data_1I7V
# 
_entry.id   1I7V 
# 
_audit_conform.dict_name       mmcif_pdbx.dic 
_audit_conform.dict_version    5.392 
_audit_conform.dict_location   http://mmcif.pdb.org/dictionaries/ascii/mmcif_pdbx.dic 
# 
loop_
_database_2.database_id 
_database_2.database_code 
_database_2.pdbx_database_accession 
_database_2.pdbx_DOI 
PDB   1I7V         pdb_00001i7v 10.2210/pdb1i7v/pdb 
RCSB  RCSB013014   ?            ?                   
WWPDB D_1000013014 ?            ?                   
# 
loop_
_pdbx_audit_revision_history.ordinal 
_pdbx_audit_revision_history.data_content_type 
_pdbx_audit_revision_history.major_revision 
_pdbx_audit_revision_history.minor_revision 
_pdbx_audit_revision_history.revision_date 
1 'Structure model' 1 0 2001-03-28 
2 'Structure model' 1 1 2007-10-16 
3 'Structure model' 1 2 2011-07-13 
4 'Structure model' 1 3 2022-02-23 
5 'Structure model' 1 4 2024-05-22 
# 
_pdbx_audit_revision_details.ordinal             1 
_pdbx_audit_revision_details.revision_ordinal    1 
_pdbx_audit_revision_details.data_content_type   'Structure model' 
_pdbx_audit_revision_details.provider            repository 
_pdbx_audit_revision_details.type                'Initial release' 
_pdbx_audit_revision_details.description         ? 
_pdbx_audit_revision_details.details             ? 
# 
loop_
_pdbx_audit_revision_group.ordinal 
_pdbx_audit_revision_group.revision_ordinal 
_pdbx_audit_revision_group.data_content_type 
_pdbx_audit_revision_group.group 
1 2 'Structure model' 'Version format compliance' 
2 3 'Structure model' 'Version format compliance' 
3 4 'Structure model' 'Data collection'           
4 4 'Structure model' 'Database references'       
5 4 'Structure model' 'Derived calculations'      
6 5 'Structure model' 'Data collection'           
# 
loop_
_pdbx_audit_revision_category.ordinal 
_pdbx_audit_revision_category.revision_ordinal 
_pdbx_audit_revision_category.data_content_type 
_pdbx_audit_revision_category.category 
1 4 'Structure model' database_2            
2 4 'Structure model' pdbx_nmr_software     
3 4 'Structure model' pdbx_struct_assembly  
4 4 'Structure model' pdbx_struct_oper_list 
5 4 'Structure model' struct_conn           
6 4 'Structure model' struct_site           
7 5 'Structure model' chem_comp_atom        
8 5 'Structure model' chem_comp_bond        
# 
loop_
_pdbx_audit_revision_item.ordinal 
_pdbx_audit_revision_item.revision_ordinal 
_pdbx_audit_revision_item.data_content_type 
_pdbx_audit_revision_item.item 
1 4 'Structure model' '_database_2.pdbx_DOI'                
2 4 'Structure model' '_database_2.pdbx_database_accession' 
3 4 'Structure model' '_pdbx_nmr_software.name'             
4 4 'Structure model' '_struct_conn.pdbx_leaving_atom_flag' 
5 4 'Structure model' '_struct_site.pdbx_auth_asym_id'      
6 4 'Structure model' '_struct_site.pdbx_auth_comp_id'      
7 4 'Structure model' '_struct_site.pdbx_auth_seq_id'       
# 
_pdbx_database_status.status_code                     REL 
_pdbx_database_status.entry_id                        1I7V 
_pdbx_database_status.recvd_initial_deposition_date   2001-03-10 
_pdbx_database_status.deposit_site                    RCSB 
_pdbx_database_status.process_site                    RCSB 
_pdbx_database_status.status_code_mr                  REL 
_pdbx_database_status.SG_entry                        . 
_pdbx_database_status.pdb_format_compatible           Y 
_pdbx_database_status.status_code_sf                  ? 
_pdbx_database_status.status_code_cs                  ? 
_pdbx_database_status.status_code_nmr_data            ? 
_pdbx_database_status.methods_development_category    ? 
# 
loop_
_audit_author.name 
_audit_author.pdbx_ordinal 
'Li, Z.'          1 
'Tamura, P.J.'    2 
'Wilkinson, A.S.' 3 
'Harris, C.M.'    4 
'Harris, T.M.'    5 
'Stone, M.P.'     6 
# 
_citation.id                        primary 
_citation.title                     
;Intercalation of the (1R,2S,3R,4S)-N6-[1-(1,2,3,4-tetrahydro-2,3,4-trihydroxybenz[a]anthracenyl)]-2'-deoxyadenosyl adduct in the N-ras codon 61 sequence: DNA sequence effects
;
_citation.journal_abbrev            Biochemistry 
_citation.journal_volume            40 
_citation.page_first                6743 
_citation.page_last                 6755 
_citation.year                      2001 
_citation.journal_id_ASTM           BICHAW 
_citation.country                   US 
_citation.journal_id_ISSN           0006-2960 
_citation.journal_id_CSD            0033 
_citation.book_publisher            ? 
_citation.pdbx_database_id_PubMed   11389588 
_citation.pdbx_database_id_DOI      10.1021/bi002785r 
# 
loop_
_citation_author.citation_id 
_citation_author.name 
_citation_author.ordinal 
_citation_author.identifier_ORCID 
primary 'Li, Z.'          1 ? 
primary 'Tamura, P.J.'    2 ? 
primary 'Wilkinson, A.S.' 3 ? 
primary 'Harris, C.M.'    4 ? 
primary 'Harris, T.M.'    5 ? 
primary 'Stone, M.P.'     6 ? 
# 
loop_
_entity.id 
_entity.type 
_entity.src_method 
_entity.pdbx_description 
_entity.formula_weight 
_entity.pdbx_number_of_molecules 
_entity.pdbx_ec 
_entity.pdbx_mutation 
_entity.pdbx_fragment 
_entity.details 
1 polymer     syn "5'-D(*CP*GP*GP*AP*CP*AP*(BZA)AP*GP*AP*AP*G)-3'"        3416.263 1 ? ? ? ? 
2 polymer     syn "5'-D(*CP*TP*TP*CP*TP*TP*GP*TP*CP*CP*G)-3'"             3291.145 1 ? ? ? ? 
3 non-polymer syn '1R,2S,3R,4S-TETRAHYDRO-BENZO[A]ANTHRACENE-2,3,4-TRIOL' 280.318  1 ? ? ? ? 
# 
loop_
_entity_poly.entity_id 
_entity_poly.type 
_entity_poly.nstd_linkage 
_entity_poly.nstd_monomer 
_entity_poly.pdbx_seq_one_letter_code 
_entity_poly.pdbx_seq_one_letter_code_can 
_entity_poly.pdbx_strand_id 
_entity_poly.pdbx_target_identifier 
1 polydeoxyribonucleotide no no '(DC)(DG)(DG)(DA)(DC)(DA)(DA)(DG)(DA)(DA)(DG)' CGGACAAGAAG A ? 
2 polydeoxyribonucleotide no no '(DC)(DT)(DT)(DC)(DT)(DT)(DG)(DT)(DC)(DC)(DG)' CTTCTTGTCCG B ? 
# 
_pdbx_entity_nonpoly.entity_id   3 
_pdbx_entity_nonpoly.name        '1R,2S,3R,4S-TETRAHYDRO-BENZO[A]ANTHRACENE-2,3,4-TRIOL' 
_pdbx_entity_nonpoly.comp_id     BZA 
# 
loop_
_entity_poly_seq.entity_id 
_entity_poly_seq.num 
_entity_poly_seq.mon_id 
_entity_poly_seq.hetero 
1 1  DC n 
1 2  DG n 
1 3  DG n 
1 4  DA n 
1 5  DC n 
1 6  DA n 
1 7  DA n 
1 8  DG n 
1 9  DA n 
1 10 DA n 
1 11 DG n 
2 1  DC n 
2 2  DT n 
2 3  DT n 
2 4  DC n 
2 5  DT n 
2 6  DT n 
2 7  DG n 
2 8  DT n 
2 9  DC n 
2 10 DC n 
2 11 DG n 
# 
loop_
_chem_comp.id 
_chem_comp.type 
_chem_comp.mon_nstd_flag 
_chem_comp.name 
_chem_comp.pdbx_synonyms 
_chem_comp.formula 
_chem_comp.formula_weight 
BZA non-polymer   . '1R,2S,3R,4S-TETRAHYDRO-BENZO[A]ANTHRACENE-2,3,4-TRIOL' ? 'C18 H16 O3'      280.318 
DA  'DNA linking' y "2'-DEOXYADENOSINE-5'-MONOPHOSPHATE"                    ? 'C10 H14 N5 O6 P' 331.222 
DC  'DNA linking' y "2'-DEOXYCYTIDINE-5'-MONOPHOSPHATE"                     ? 'C9 H14 N3 O7 P'  307.197 
DG  'DNA linking' y "2'-DEOXYGUANOSINE-5'-MONOPHOSPHATE"                    ? 'C10 H14 N5 O7 P' 347.221 
DT  'DNA linking' y "THYMIDINE-5'-MONOPHOSPHATE"                            ? 'C10 H15 N2 O8 P' 322.208 
# 
loop_
_pdbx_poly_seq_scheme.asym_id 
_pdbx_poly_seq_scheme.entity_id 
_pdbx_poly_seq_scheme.seq_id 
_pdbx_poly_seq_scheme.mon_id 
_pdbx_poly_seq_scheme.ndb_seq_num 
_pdbx_poly_seq_scheme.pdb_seq_num 
_pdbx_poly_seq_scheme.auth_seq_num 
_pdbx_poly_seq_scheme.pdb_mon_id 
_pdbx_poly_seq_scheme.auth_mon_id 
_pdbx_poly_seq_scheme.pdb_strand_id 
_pdbx_poly_seq_scheme.pdb_ins_code 
_pdbx_poly_seq_scheme.hetero 
A 1 1  DC 1  1  1  DC C   A . n 
A 1 2  DG 2  2  2  DG G   A . n 
A 1 3  DG 3  3  3  DG G   A . n 
A 1 4  DA 4  4  4  DA A   A . n 
A 1 5  DC 5  5  5  DC C   A . n 
A 1 6  DA 6  6  6  DA A   A . n 
A 1 7  DA 7  7  7  DA ABA A . n 
A 1 8  DG 8  8  8  DG G   A . n 
A 1 9  DA 9  9  9  DA A   A . n 
A 1 10 DA 10 10 10 DA A   A . n 
A 1 11 DG 11 11 11 DG G   A . n 
B 2 1  DC 1  12 12 DC C   B . n 
B 2 2  DT 2  13 13 DT T   B . n 
B 2 3  DT 3  14 14 DT T   B . n 
B 2 4  DC 4  15 15 DC C   B . n 
B 2 5  DT 5  16 16 DT T   B . n 
B 2 6  DT 6  17 17 DT T   B . n 
B 2 7  DG 7  18 18 DG G   B . n 
B 2 8  DT 8  19 19 DT T   B . n 
B 2 9  DC 9  20 20 DC C   B . n 
B 2 10 DC 10 21 21 DC C   B . n 
B 2 11 DG 11 22 22 DG G   B . n 
# 
_pdbx_nonpoly_scheme.asym_id         C 
_pdbx_nonpoly_scheme.entity_id       3 
_pdbx_nonpoly_scheme.mon_id          BZA 
_pdbx_nonpoly_scheme.ndb_seq_num     1 
_pdbx_nonpoly_scheme.pdb_seq_num     12 
_pdbx_nonpoly_scheme.auth_seq_num    7 
_pdbx_nonpoly_scheme.pdb_mon_id      BZA 
_pdbx_nonpoly_scheme.auth_mon_id     ABA 
_pdbx_nonpoly_scheme.pdb_strand_id   A 
_pdbx_nonpoly_scheme.pdb_ins_code    . 
# 
_cell.entry_id           1I7V 
_cell.length_a           1.000 
_cell.length_b           1.000 
_cell.length_c           1.000 
_cell.angle_alpha        90.00 
_cell.angle_beta         90.00 
_cell.angle_gamma        90.00 
_cell.Z_PDB              1 
_cell.pdbx_unique_axis   ? 
# 
_symmetry.entry_id                         1I7V 
_symmetry.space_group_name_H-M             'P 1' 
_symmetry.pdbx_full_space_group_name_H-M   ? 
_symmetry.cell_setting                     ? 
_symmetry.Int_Tables_number                1 
# 
_exptl.entry_id          1I7V 
_exptl.method            'SOLUTION NMR' 
_exptl.crystals_number   ? 
# 
_struct.entry_id                  1I7V 
_struct.title                     
;THE SOLUTION STRUCTURE OF A BAY REGION 1R-BENZ[A]ANTHRACENE OXIDE ADDUCT AT THE N6 POSITION OF ADENINE OF AN OLIGODEOXYNUCLEOTIDE CONTAINING THE HUMAN N-RAS CODON 61 SEQUENCE
;
_struct.pdbx_model_details        ? 
_struct.pdbx_CASP_flag            ? 
_struct.pdbx_model_type_details   ? 
# 
_struct_keywords.entry_id        1I7V 
_struct_keywords.pdbx_keywords   DNA 
_struct_keywords.text            'Benz[a]anthracene-DNA duplex, DNA' 
# 
loop_
_struct_asym.id 
_struct_asym.pdbx_blank_PDB_chainid_flag 
_struct_asym.pdbx_modified 
_struct_asym.entity_id 
_struct_asym.details 
A N N 1 ? 
B N N 2 ? 
C N N 3 ? 
# 
loop_
_struct_ref.id 
_struct_ref.entity_id 
_struct_ref.db_name 
_struct_ref.db_code 
_struct_ref.pdbx_db_accession 
_struct_ref.pdbx_db_isoform 
_struct_ref.pdbx_seq_one_letter_code 
_struct_ref.pdbx_align_begin 
1 1 PDB 1I7V 1I7V ? ? ? 
2 2 PDB 1I7V 1I7V ? ? ? 
# 
loop_
_struct_ref_seq.align_id 
_struct_ref_seq.ref_id 
_struct_ref_seq.pdbx_PDB_id_code 
_struct_ref_seq.pdbx_strand_id 
_struct_ref_seq.seq_align_beg 
_struct_ref_seq.pdbx_seq_align_beg_ins_code 
_struct_ref_seq.seq_align_end 
_struct_ref_seq.pdbx_seq_align_end_ins_code 
_struct_ref_seq.pdbx_db_accession 
_struct_ref_seq.db_align_beg 
_struct_ref_seq.pdbx_db_align_beg_ins_code 
_struct_ref_seq.db_align_end 
_struct_ref_seq.pdbx_db_align_end_ins_code 
_struct_ref_seq.pdbx_auth_seq_align_beg 
_struct_ref_seq.pdbx_auth_seq_align_end 
1 1 1I7V A 1 ? 11 ? 1I7V 1  ? 11 ? 1  11 
2 2 1I7V B 1 ? 11 ? 1I7V 12 ? 22 ? 12 22 
# 
_pdbx_struct_assembly.id                   1 
_pdbx_struct_assembly.details              author_defined_assembly 
_pdbx_struct_assembly.method_details       ? 
_pdbx_struct_assembly.oligomeric_details   dimeric 
_pdbx_struct_assembly.oligomeric_count     2 
# 
_pdbx_struct_assembly_gen.assembly_id       1 
_pdbx_struct_assembly_gen.oper_expression   1 
_pdbx_struct_assembly_gen.asym_id_list      A,B,C 
# 
_pdbx_struct_oper_list.id                   1 
_pdbx_struct_oper_list.type                 'identity operation' 
_pdbx_struct_oper_list.name                 1_555 
_pdbx_struct_oper_list.symmetry_operation   x,y,z 
_pdbx_struct_oper_list.matrix[1][1]         1.0000000000 
_pdbx_struct_oper_list.matrix[1][2]         0.0000000000 
_pdbx_struct_oper_list.matrix[1][3]         0.0000000000 
_pdbx_struct_oper_list.vector[1]            0.0000000000 
_pdbx_struct_oper_list.matrix[2][1]         0.0000000000 
_pdbx_struct_oper_list.matrix[2][2]         1.0000000000 
_pdbx_struct_oper_list.matrix[2][3]         0.0000000000 
_pdbx_struct_oper_list.vector[2]            0.0000000000 
_pdbx_struct_oper_list.matrix[3][1]         0.0000000000 
_pdbx_struct_oper_list.matrix[3][2]         0.0000000000 
_pdbx_struct_oper_list.matrix[3][3]         1.0000000000 
_pdbx_struct_oper_list.vector[3]            0.0000000000 
# 
_struct_biol.id   1 
# 
loop_
_struct_conn.id 
_struct_conn.conn_type_id 
_struct_conn.pdbx_leaving_atom_flag 
_struct_conn.pdbx_PDB_id 
_struct_conn.ptnr1_label_asym_id 
_struct_conn.ptnr1_label_comp_id 
_struct_conn.ptnr1_label_seq_id 
_struct_conn.ptnr1_label_atom_id 
_struct_conn.pdbx_ptnr1_label_alt_id 
_struct_conn.pdbx_ptnr1_PDB_ins_code 
_struct_conn.pdbx_ptnr1_standard_comp_id 
_struct_conn.ptnr1_symmetry 
_struct_conn.ptnr2_label_asym_id 
_struct_conn.ptnr2_label_comp_id 
_struct_conn.ptnr2_label_seq_id 
_struct_conn.ptnr2_label_atom_id 
_struct_conn.pdbx_ptnr2_label_alt_id 
_struct_conn.pdbx_ptnr2_PDB_ins_code 
_struct_conn.ptnr1_auth_asym_id 
_struct_conn.ptnr1_auth_comp_id 
_struct_conn.ptnr1_auth_seq_id 
_struct_conn.ptnr2_auth_asym_id 
_struct_conn.ptnr2_auth_comp_id 
_struct_conn.ptnr2_auth_seq_id 
_struct_conn.ptnr2_symmetry 
_struct_conn.pdbx_ptnr3_label_atom_id 
_struct_conn.pdbx_ptnr3_label_seq_id 
_struct_conn.pdbx_ptnr3_label_comp_id 
_struct_conn.pdbx_ptnr3_label_asym_id 
_struct_conn.pdbx_ptnr3_label_alt_id 
_struct_conn.pdbx_ptnr3_PDB_ins_code 
_struct_conn.details 
_struct_conn.pdbx_dist_value 
_struct_conn.pdbx_value_order 
_struct_conn.pdbx_role 
covale1  covale none ? A DA 7  N6 ? ? ? 1_555 C BZA .  C4C ? ? A DA 7  A BZA 12 1_555 ? ? ? ? ? ? ?            1.344 ? ? 
hydrog1  hydrog ?    ? A DC 1  N3 ? ? ? 1_555 B DG  11 N1  ? ? A DC 1  B DG  22 1_555 ? ? ? ? ? ? WATSON-CRICK ?     ? ? 
hydrog2  hydrog ?    ? A DC 1  N4 ? ? ? 1_555 B DG  11 O6  ? ? A DC 1  B DG  22 1_555 ? ? ? ? ? ? WATSON-CRICK ?     ? ? 
hydrog3  hydrog ?    ? A DC 1  O2 ? ? ? 1_555 B DG  11 N2  ? ? A DC 1  B DG  22 1_555 ? ? ? ? ? ? WATSON-CRICK ?     ? ? 
hydrog4  hydrog ?    ? A DG 2  N1 ? ? ? 1_555 B DC  10 N3  ? ? A DG 2  B DC  21 1_555 ? ? ? ? ? ? WATSON-CRICK ?     ? ? 
hydrog5  hydrog ?    ? A DG 2  N2 ? ? ? 1_555 B DC  10 O2  ? ? A DG 2  B DC  21 1_555 ? ? ? ? ? ? WATSON-CRICK ?     ? ? 
hydrog6  hydrog ?    ? A DG 2  O6 ? ? ? 1_555 B DC  10 N4  ? ? A DG 2  B DC  21 1_555 ? ? ? ? ? ? WATSON-CRICK ?     ? ? 
hydrog7  hydrog ?    ? A DG 3  N1 ? ? ? 1_555 B DC  9  N3  ? ? A DG 3  B DC  20 1_555 ? ? ? ? ? ? WATSON-CRICK ?     ? ? 
hydrog8  hydrog ?    ? A DG 3  N2 ? ? ? 1_555 B DC  9  O2  ? ? A DG 3  B DC  20 1_555 ? ? ? ? ? ? WATSON-CRICK ?     ? ? 
hydrog9  hydrog ?    ? A DG 3  O6 ? ? ? 1_555 B DC  9  N4  ? ? A DG 3  B DC  20 1_555 ? ? ? ? ? ? WATSON-CRICK ?     ? ? 
hydrog10 hydrog ?    ? A DA 4  N1 ? ? ? 1_555 B DT  8  N3  ? ? A DA 4  B DT  19 1_555 ? ? ? ? ? ? WATSON-CRICK ?     ? ? 
hydrog11 hydrog ?    ? A DA 4  N6 ? ? ? 1_555 B DT  8  O4  ? ? A DA 4  B DT  19 1_555 ? ? ? ? ? ? WATSON-CRICK ?     ? ? 
hydrog12 hydrog ?    ? A DC 5  N3 ? ? ? 1_555 B DG  7  N1  ? ? A DC 5  B DG  18 1_555 ? ? ? ? ? ? WATSON-CRICK ?     ? ? 
hydrog13 hydrog ?    ? A DC 5  N4 ? ? ? 1_555 B DG  7  O6  ? ? A DC 5  B DG  18 1_555 ? ? ? ? ? ? WATSON-CRICK ?     ? ? 
hydrog14 hydrog ?    ? A DC 5  O2 ? ? ? 1_555 B DG  7  N2  ? ? A DC 5  B DG  18 1_555 ? ? ? ? ? ? WATSON-CRICK ?     ? ? 
hydrog15 hydrog ?    ? A DA 6  N6 ? ? ? 1_555 B DT  6  O4  ? ? A DA 6  B DT  17 1_555 ? ? ? ? ? ? 'DA-DT PAIR' ?     ? ? 
hydrog16 hydrog ?    ? A DA 7  N1 ? ? ? 1_555 B DT  5  N3  ? ? A DA 7  B DT  16 1_555 ? ? ? ? ? ? WATSON-CRICK ?     ? ? 
hydrog17 hydrog ?    ? A DA 7  N6 ? ? ? 1_555 B DT  5  O4  ? ? A DA 7  B DT  16 1_555 ? ? ? ? ? ? WATSON-CRICK ?     ? ? 
hydrog18 hydrog ?    ? A DG 8  N1 ? ? ? 1_555 B DC  4  N3  ? ? A DG 8  B DC  15 1_555 ? ? ? ? ? ? WATSON-CRICK ?     ? ? 
hydrog19 hydrog ?    ? A DG 8  N2 ? ? ? 1_555 B DC  4  O2  ? ? A DG 8  B DC  15 1_555 ? ? ? ? ? ? WATSON-CRICK ?     ? ? 
hydrog20 hydrog ?    ? A DG 8  O6 ? ? ? 1_555 B DC  4  N4  ? ? A DG 8  B DC  15 1_555 ? ? ? ? ? ? WATSON-CRICK ?     ? ? 
hydrog21 hydrog ?    ? A DA 9  N1 ? ? ? 1_555 B DT  3  N3  ? ? A DA 9  B DT  14 1_555 ? ? ? ? ? ? WATSON-CRICK ?     ? ? 
hydrog22 hydrog ?    ? A DA 9  N6 ? ? ? 1_555 B DT  3  O4  ? ? A DA 9  B DT  14 1_555 ? ? ? ? ? ? WATSON-CRICK ?     ? ? 
hydrog23 hydrog ?    ? A DA 10 N1 ? ? ? 1_555 B DT  2  N3  ? ? A DA 10 B DT  13 1_555 ? ? ? ? ? ? WATSON-CRICK ?     ? ? 
hydrog24 hydrog ?    ? A DA 10 N6 ? ? ? 1_555 B DT  2  O4  ? ? A DA 10 B DT  13 1_555 ? ? ? ? ? ? WATSON-CRICK ?     ? ? 
hydrog25 hydrog ?    ? A DG 11 N1 ? ? ? 1_555 B DC  1  N3  ? ? A DG 11 B DC  12 1_555 ? ? ? ? ? ? WATSON-CRICK ?     ? ? 
hydrog26 hydrog ?    ? A DG 11 N2 ? ? ? 1_555 B DC  1  O2  ? ? A DG 11 B DC  12 1_555 ? ? ? ? ? ? WATSON-CRICK ?     ? ? 
hydrog27 hydrog ?    ? A DG 11 O6 ? ? ? 1_555 B DC  1  N4  ? ? A DG 11 B DC  12 1_555 ? ? ? ? ? ? WATSON-CRICK ?     ? ? 
# 
loop_
_struct_conn_type.id 
_struct_conn_type.criteria 
_struct_conn_type.reference 
covale ? ? 
hydrog ? ? 
# 
_struct_site.id                   AC1 
_struct_site.pdbx_evidence_code   Software 
_struct_site.pdbx_auth_asym_id    A 
_struct_site.pdbx_auth_comp_id    BZA 
_struct_site.pdbx_auth_seq_id     12 
_struct_site.pdbx_auth_ins_code   ? 
_struct_site.pdbx_num_residues    6 
_struct_site.details              'BINDING SITE FOR RESIDUE BZA A 12' 
# 
loop_
_struct_site_gen.id 
_struct_site_gen.site_id 
_struct_site_gen.pdbx_num_res 
_struct_site_gen.label_comp_id 
_struct_site_gen.label_asym_id 
_struct_site_gen.label_seq_id 
_struct_site_gen.pdbx_auth_ins_code 
_struct_site_gen.auth_comp_id 
_struct_site_gen.auth_asym_id 
_struct_site_gen.auth_seq_id 
_struct_site_gen.label_atom_id 
_struct_site_gen.label_alt_id 
_struct_site_gen.symmetry 
_struct_site_gen.details 
1 AC1 6 DA A 6 ? DA A 6  . ? 1_555 ? 
2 AC1 6 DA A 7 ? DA A 7  . ? 1_555 ? 
3 AC1 6 DG A 8 ? DG A 8  . ? 1_555 ? 
4 AC1 6 DC B 4 ? DC B 15 . ? 1_555 ? 
5 AC1 6 DT B 5 ? DT B 16 . ? 1_555 ? 
6 AC1 6 DT B 6 ? DT B 17 . ? 1_555 ? 
# 
loop_
_pdbx_validate_rmsd_angle.id 
_pdbx_validate_rmsd_angle.PDB_model_num 
_pdbx_validate_rmsd_angle.auth_atom_id_1 
_pdbx_validate_rmsd_angle.auth_asym_id_1 
_pdbx_validate_rmsd_angle.auth_comp_id_1 
_pdbx_validate_rmsd_angle.auth_seq_id_1 
_pdbx_validate_rmsd_angle.PDB_ins_code_1 
_pdbx_validate_rmsd_angle.label_alt_id_1 
_pdbx_validate_rmsd_angle.auth_atom_id_2 
_pdbx_validate_rmsd_angle.auth_asym_id_2 
_pdbx_validate_rmsd_angle.auth_comp_id_2 
_pdbx_validate_rmsd_angle.auth_seq_id_2 
_pdbx_validate_rmsd_angle.PDB_ins_code_2 
_pdbx_validate_rmsd_angle.label_alt_id_2 
_pdbx_validate_rmsd_angle.auth_atom_id_3 
_pdbx_validate_rmsd_angle.auth_asym_id_3 
_pdbx_validate_rmsd_angle.auth_comp_id_3 
_pdbx_validate_rmsd_angle.auth_seq_id_3 
_pdbx_validate_rmsd_angle.PDB_ins_code_3 
_pdbx_validate_rmsd_angle.label_alt_id_3 
_pdbx_validate_rmsd_angle.angle_value 
_pdbx_validate_rmsd_angle.angle_target_value 
_pdbx_validate_rmsd_angle.angle_deviation 
_pdbx_validate_rmsd_angle.angle_standard_deviation 
_pdbx_validate_rmsd_angle.linker_flag 
1  1 "O4'" A DC 1  ? ? "C1'" A DC 1  ? ? N1 A DC 1  ? ? 111.09 108.30 2.79  0.30 N 
2  1 "O4'" A DG 2  ? ? "C1'" A DG 2  ? ? N9 A DG 2  ? ? 111.49 108.30 3.19  0.30 N 
3  1 N7    A DG 2  ? ? C8    A DG 2  ? ? N9 A DG 2  ? ? 117.66 113.10 4.56  0.50 N 
4  1 C8    A DG 2  ? ? N9    A DG 2  ? ? C4 A DG 2  ? ? 103.75 106.40 -2.65 0.40 N 
5  1 "O4'" A DG 3  ? ? "C1'" A DG 3  ? ? N9 A DG 3  ? ? 111.63 108.30 3.33  0.30 N 
6  1 N7    A DG 3  ? ? C8    A DG 3  ? ? N9 A DG 3  ? ? 117.64 113.10 4.54  0.50 N 
7  1 C8    A DG 3  ? ? N9    A DG 3  ? ? C4 A DG 3  ? ? 103.73 106.40 -2.67 0.40 N 
8  1 "O4'" A DA 4  ? ? "C1'" A DA 4  ? ? N9 A DA 4  ? ? 111.47 108.30 3.17  0.30 N 
9  1 N7    A DA 4  ? ? C8    A DA 4  ? ? N9 A DA 4  ? ? 117.50 113.80 3.70  0.50 N 
10 1 "O4'" A DC 5  ? ? "C1'" A DC 5  ? ? N1 A DC 5  ? ? 110.89 108.30 2.59  0.30 N 
11 1 N7    A DA 6  ? ? C8    A DA 6  ? ? N9 A DA 6  ? ? 117.44 113.80 3.64  0.50 N 
12 1 C8    A DA 6  ? ? N9    A DA 6  ? ? C4 A DA 6  ? ? 103.31 105.80 -2.49 0.40 N 
13 1 "O4'" A DA 7  ? ? "C1'" A DA 7  ? ? N9 A DA 7  ? ? 111.30 108.30 3.00  0.30 N 
14 1 N7    A DA 7  ? ? C8    A DA 7  ? ? N9 A DA 7  ? ? 117.56 113.80 3.76  0.50 N 
15 1 "O4'" A DG 8  ? ? "C1'" A DG 8  ? ? N9 A DG 8  ? ? 111.51 108.30 3.21  0.30 N 
16 1 N7    A DG 8  ? ? C8    A DG 8  ? ? N9 A DG 8  ? ? 117.55 113.10 4.45  0.50 N 
17 1 C8    A DG 8  ? ? N9    A DG 8  ? ? C4 A DG 8  ? ? 103.71 106.40 -2.69 0.40 N 
18 1 "O4'" A DA 9  ? ? "C1'" A DA 9  ? ? N9 A DA 9  ? ? 111.02 108.30 2.72  0.30 N 
19 1 N7    A DA 9  ? ? C8    A DA 9  ? ? N9 A DA 9  ? ? 117.56 113.80 3.76  0.50 N 
20 1 "O4'" A DA 10 ? ? "C1'" A DA 10 ? ? N9 A DA 10 ? ? 110.90 108.30 2.60  0.30 N 
21 1 N7    A DA 10 ? ? C8    A DA 10 ? ? N9 A DA 10 ? ? 117.60 113.80 3.80  0.50 N 
22 1 "O4'" A DG 11 ? ? "C1'" A DG 11 ? ? N9 A DG 11 ? ? 111.00 108.30 2.70  0.30 N 
23 1 N7    A DG 11 ? ? C8    A DG 11 ? ? N9 A DG 11 ? ? 117.60 113.10 4.50  0.50 N 
24 1 C8    A DG 11 ? ? N9    A DG 11 ? ? C4 A DG 11 ? ? 103.69 106.40 -2.71 0.40 N 
25 1 "O4'" B DC 12 ? ? "C1'" B DC 12 ? ? N1 B DC 12 ? ? 111.33 108.30 3.03  0.30 N 
26 1 "O4'" B DT 13 ? ? "C1'" B DT 13 ? ? N1 B DT 13 ? ? 111.36 108.30 3.06  0.30 N 
27 1 "O4'" B DT 14 ? ? "C1'" B DT 14 ? ? N1 B DT 14 ? ? 111.10 108.30 2.80  0.30 N 
28 1 "O4'" B DC 15 ? ? "C1'" B DC 15 ? ? N1 B DC 15 ? ? 110.57 108.30 2.27  0.30 N 
29 1 "O4'" B DT 16 ? ? "C1'" B DT 16 ? ? N1 B DT 16 ? ? 110.20 108.30 1.90  0.30 N 
30 1 C6    B DT 16 ? ? C5    B DT 16 ? ? C7 B DT 16 ? ? 118.87 122.90 -4.03 0.60 N 
31 1 "O4'" B DT 17 ? ? "C1'" B DT 17 ? ? N1 B DT 17 ? ? 111.11 108.30 2.81  0.30 N 
32 1 "O4'" B DG 18 ? ? "C1'" B DG 18 ? ? N9 B DG 18 ? ? 111.80 108.30 3.50  0.30 N 
33 1 N7    B DG 18 ? ? C8    B DG 18 ? ? N9 B DG 18 ? ? 117.69 113.10 4.59  0.50 N 
34 1 C8    B DG 18 ? ? N9    B DG 18 ? ? C4 B DG 18 ? ? 103.69 106.40 -2.71 0.40 N 
35 1 "O4'" B DT 19 ? ? "C1'" B DT 19 ? ? N1 B DT 19 ? ? 111.10 108.30 2.80  0.30 N 
36 1 "O4'" B DC 20 ? ? "C1'" B DC 20 ? ? N1 B DC 20 ? ? 111.48 108.30 3.18  0.30 N 
37 1 "O4'" B DC 21 ? ? "C1'" B DC 21 ? ? N1 B DC 21 ? ? 111.06 108.30 2.76  0.30 N 
38 1 "O4'" B DG 22 ? ? "C1'" B DG 22 ? ? N9 B DG 22 ? ? 111.11 108.30 2.81  0.30 N 
39 1 N7    B DG 22 ? ? C8    B DG 22 ? ? N9 B DG 22 ? ? 117.62 113.10 4.52  0.50 N 
40 1 C8    B DG 22 ? ? N9    B DG 22 ? ? C4 B DG 22 ? ? 103.76 106.40 -2.64 0.40 N 
# 
_pdbx_nmr_ensemble.entry_id                                      1I7V 
_pdbx_nmr_ensemble.conformers_calculated_total_number            1 
_pdbx_nmr_ensemble.conformers_submitted_total_number             1 
_pdbx_nmr_ensemble.conformer_selection_criteria                  'back calculated data agree with experimental NOESY spectrum' 
_pdbx_nmr_ensemble.average_constraints_per_residue               ? 
_pdbx_nmr_ensemble.average_constraint_violations_per_residue     ? 
_pdbx_nmr_ensemble.maximum_distance_constraint_violation         ? 
_pdbx_nmr_ensemble.average_distance_constraint_violation         ? 
_pdbx_nmr_ensemble.maximum_upper_distance_constraint_violation   ? 
_pdbx_nmr_ensemble.maximum_lower_distance_constraint_violation   ? 
_pdbx_nmr_ensemble.distance_constraint_violation_method          ? 
_pdbx_nmr_ensemble.maximum_torsion_angle_constraint_violation    ? 
_pdbx_nmr_ensemble.average_torsion_angle_constraint_violation    ? 
_pdbx_nmr_ensemble.torsion_angle_constraint_violation_method     ? 
# 
loop_
_pdbx_nmr_sample_details.solution_id 
_pdbx_nmr_sample_details.contents 
_pdbx_nmr_sample_details.solvent_system 
1 '1.8 mM oligodeoxynucleotide, 10 mM phosphate buffer, 0.05 mM EDTA, 0.1 M NaCl' '90% H2O/10% D2O' 
2 '1.8 mM oligodeoxynucleotide, 10 mM phosphate buffer, 0.05 mM EDTA, 0.1 M NaCl' '100% D2O'        
# 
loop_
_pdbx_nmr_exptl_sample_conditions.conditions_id 
_pdbx_nmr_exptl_sample_conditions.temperature 
_pdbx_nmr_exptl_sample_conditions.pressure 
_pdbx_nmr_exptl_sample_conditions.pH 
_pdbx_nmr_exptl_sample_conditions.ionic_strength 
_pdbx_nmr_exptl_sample_conditions.pressure_units 
_pdbx_nmr_exptl_sample_conditions.temperature_units 
1 278 1 7.0 '0.1 M NaCl' atm K 
2 288 1 7.0 '0.1 M NaCl' atm K 
# 
loop_
_pdbx_nmr_exptl.experiment_id 
_pdbx_nmr_exptl.solution_id 
_pdbx_nmr_exptl.conditions_id 
_pdbx_nmr_exptl.type 
1 1 1 '2D NOESY' 
2 2 2 '2D NOESY' 
3 2 2 DQF-COSY   
4 2 2 TOCSY      
# 
_pdbx_nmr_details.entry_id   1I7V 
_pdbx_nmr_details.text       'This structure was determined using 2D homonuclear techniques' 
# 
_pdbx_nmr_refine.entry_id           1I7V 
_pdbx_nmr_refine.method             'NOE-restrained molecular dynamics/simulated annealing' 
_pdbx_nmr_refine.details            'The structure was based on a total of 485 NOE derived distance constraints.' 
_pdbx_nmr_refine.software_ordinal   1 
# 
loop_
_pdbx_nmr_software.name 
_pdbx_nmr_software.version 
_pdbx_nmr_software.classification 
_pdbx_nmr_software.authors 
_pdbx_nmr_software.ordinal 
XwinNMR   2.0   collection                    Bruker                                                            1 
X-PLOR    3.851 'structure solution'          'A. Brunger'                                                      2 
Felix     97.0  processing                    'Biosym Technologies'                                             3 
CORMA     5.2   refinement                    'Borgias, B.A., Thomas, P.D., Li, H., Kumar, A., and Tonelli, M.' 4 
MARDIGRAS 3.0   'iterative matrix relaxation' 'Borgias, B.A., Thomas, P.D., Li, H., Kumar, A., and Tonelli, M.' 5 
# 
loop_
_chem_comp_atom.comp_id 
_chem_comp_atom.atom_id 
_chem_comp_atom.type_symbol 
_chem_comp_atom.pdbx_aromatic_flag 
_chem_comp_atom.pdbx_stereo_config 
_chem_comp_atom.pdbx_ordinal 
BZA C4C    C N N 1   
BZA C9C    C N S 2   
BZA O3     O N N 3   
BZA C8B    C N S 4   
BZA O2     O N N 5   
BZA C3B    C N S 6   
BZA O1     O N N 7   
BZA C3A    C Y N 8   
BZA C2A    C Y N 9   
BZA C4A    C Y N 10  
BZA C1A    C Y N 11  
BZA C5A    C Y N 12  
BZA C4B    C Y N 13  
BZA C6A    C Y N 14  
BZA C7A    C Y N 15  
BZA C8A    C Y N 16  
BZA C5B    C Y N 17  
BZA C9B    C Y N 18  
BZA C11    C Y N 19  
BZA C9A    C Y N 20  
BZA C10    C Y N 21  
BZA H4C1   H N N 22  
BZA H4C2   H N N 23  
BZA H9C    H N N 24  
BZA H3     H N N 25  
BZA H8B    H N N 26  
BZA HO2    H N N 27  
BZA H3B    H N N 28  
BZA H1     H N N 29  
BZA H2A    H N N 30  
BZA H1A    H N N 31  
BZA H5A    H N N 32  
BZA H6A    H N N 33  
BZA H7A    H N N 34  
BZA H8A    H N N 35  
BZA H9A    H N N 36  
BZA H10    H N N 37  
DA  OP3    O N N 38  
DA  P      P N N 39  
DA  OP1    O N N 40  
DA  OP2    O N N 41  
DA  "O5'"  O N N 42  
DA  "C5'"  C N N 43  
DA  "C4'"  C N R 44  
DA  "O4'"  O N N 45  
DA  "C3'"  C N S 46  
DA  "O3'"  O N N 47  
DA  "C2'"  C N N 48  
DA  "C1'"  C N R 49  
DA  N9     N Y N 50  
DA  C8     C Y N 51  
DA  N7     N Y N 52  
DA  C5     C Y N 53  
DA  C6     C Y N 54  
DA  N6     N N N 55  
DA  N1     N Y N 56  
DA  C2     C Y N 57  
DA  N3     N Y N 58  
DA  C4     C Y N 59  
DA  HOP3   H N N 60  
DA  HOP2   H N N 61  
DA  "H5'"  H N N 62  
DA  "H5''" H N N 63  
DA  "H4'"  H N N 64  
DA  "H3'"  H N N 65  
DA  "HO3'" H N N 66  
DA  "H2'"  H N N 67  
DA  "H2''" H N N 68  
DA  "H1'"  H N N 69  
DA  H8     H N N 70  
DA  H61    H N N 71  
DA  H62    H N N 72  
DA  H2     H N N 73  
DC  OP3    O N N 74  
DC  P      P N N 75  
DC  OP1    O N N 76  
DC  OP2    O N N 77  
DC  "O5'"  O N N 78  
DC  "C5'"  C N N 79  
DC  "C4'"  C N R 80  
DC  "O4'"  O N N 81  
DC  "C3'"  C N S 82  
DC  "O3'"  O N N 83  
DC  "C2'"  C N N 84  
DC  "C1'"  C N R 85  
DC  N1     N N N 86  
DC  C2     C N N 87  
DC  O2     O N N 88  
DC  N3     N N N 89  
DC  C4     C N N 90  
DC  N4     N N N 91  
DC  C5     C N N 92  
DC  C6     C N N 93  
DC  HOP3   H N N 94  
DC  HOP2   H N N 95  
DC  "H5'"  H N N 96  
DC  "H5''" H N N 97  
DC  "H4'"  H N N 98  
DC  "H3'"  H N N 99  
DC  "HO3'" H N N 100 
DC  "H2'"  H N N 101 
DC  "H2''" H N N 102 
DC  "H1'"  H N N 103 
DC  H41    H N N 104 
DC  H42    H N N 105 
DC  H5     H N N 106 
DC  H6     H N N 107 
DG  OP3    O N N 108 
DG  P      P N N 109 
DG  OP1    O N N 110 
DG  OP2    O N N 111 
DG  "O5'"  O N N 112 
DG  "C5'"  C N N 113 
DG  "C4'"  C N R 114 
DG  "O4'"  O N N 115 
DG  "C3'"  C N S 116 
DG  "O3'"  O N N 117 
DG  "C2'"  C N N 118 
DG  "C1'"  C N R 119 
DG  N9     N Y N 120 
DG  C8     C Y N 121 
DG  N7     N Y N 122 
DG  C5     C Y N 123 
DG  C6     C N N 124 
DG  O6     O N N 125 
DG  N1     N N N 126 
DG  C2     C N N 127 
DG  N2     N N N 128 
DG  N3     N N N 129 
DG  C4     C Y N 130 
DG  HOP3   H N N 131 
DG  HOP2   H N N 132 
DG  "H5'"  H N N 133 
DG  "H5''" H N N 134 
DG  "H4'"  H N N 135 
DG  "H3'"  H N N 136 
DG  "HO3'" H N N 137 
DG  "H2'"  H N N 138 
DG  "H2''" H N N 139 
DG  "H1'"  H N N 140 
DG  H8     H N N 141 
DG  H1     H N N 142 
DG  H21    H N N 143 
DG  H22    H N N 144 
DT  OP3    O N N 145 
DT  P      P N N 146 
DT  OP1    O N N 147 
DT  OP2    O N N 148 
DT  "O5'"  O N N 149 
DT  "C5'"  C N N 150 
DT  "C4'"  C N R 151 
DT  "O4'"  O N N 152 
DT  "C3'"  C N S 153 
DT  "O3'"  O N N 154 
DT  "C2'"  C N N 155 
DT  "C1'"  C N R 156 
DT  N1     N N N 157 
DT  C2     C N N 158 
DT  O2     O N N 159 
DT  N3     N N N 160 
DT  C4     C N N 161 
DT  O4     O N N 162 
DT  C5     C N N 163 
DT  C7     C N N 164 
DT  C6     C N N 165 
DT  HOP3   H N N 166 
DT  HOP2   H N N 167 
DT  "H5'"  H N N 168 
DT  "H5''" H N N 169 
DT  "H4'"  H N N 170 
DT  "H3'"  H N N 171 
DT  "HO3'" H N N 172 
DT  "H2'"  H N N 173 
DT  "H2''" H N N 174 
DT  "H1'"  H N N 175 
DT  H3     H N N 176 
DT  H71    H N N 177 
DT  H72    H N N 178 
DT  H73    H N N 179 
DT  H6     H N N 180 
# 
loop_
_chem_comp_bond.comp_id 
_chem_comp_bond.atom_id_1 
_chem_comp_bond.atom_id_2 
_chem_comp_bond.value_order 
_chem_comp_bond.pdbx_aromatic_flag 
_chem_comp_bond.pdbx_stereo_config 
_chem_comp_bond.pdbx_ordinal 
BZA C4C   C9C    sing N N 1   
BZA C4C   C4A    sing N N 2   
BZA C4C   H4C1   sing N N 3   
BZA C4C   H4C2   sing N N 4   
BZA C9C   O3     sing N N 5   
BZA C9C   C8B    sing N N 6   
BZA C9C   H9C    sing N N 7   
BZA O3    H3     sing N N 8   
BZA C8B   O2     sing N N 9   
BZA C8B   C3B    sing N N 10  
BZA C8B   H8B    sing N N 11  
BZA O2    HO2    sing N N 12  
BZA C3B   O1     sing N N 13  
BZA C3B   C3A    sing N N 14  
BZA C3B   H3B    sing N N 15  
BZA O1    H1     sing N N 16  
BZA C3A   C2A    doub Y N 17  
BZA C3A   C4A    sing Y N 18  
BZA C2A   C1A    sing Y N 19  
BZA C2A   H2A    sing N N 20  
BZA C4A   C4B    doub Y N 21  
BZA C1A   C11    doub Y N 22  
BZA C1A   H1A    sing N N 23  
BZA C5A   C4B    sing Y N 24  
BZA C5A   C5B    doub Y N 25  
BZA C5A   H5A    sing N N 26  
BZA C4B   C11    sing Y N 27  
BZA C6A   C7A    doub Y N 28  
BZA C6A   C5B    sing Y N 29  
BZA C6A   H6A    sing N N 30  
BZA C7A   C8A    sing Y N 31  
BZA C7A   H7A    sing N N 32  
BZA C8A   C9A    doub Y N 33  
BZA C8A   H8A    sing N N 34  
BZA C5B   C9B    sing Y N 35  
BZA C9B   C9A    sing Y N 36  
BZA C9B   C10    doub Y N 37  
BZA C11   C10    sing Y N 38  
BZA C9A   H9A    sing N N 39  
BZA C10   H10    sing N N 40  
DA  OP3   P      sing N N 41  
DA  OP3   HOP3   sing N N 42  
DA  P     OP1    doub N N 43  
DA  P     OP2    sing N N 44  
DA  P     "O5'"  sing N N 45  
DA  OP2   HOP2   sing N N 46  
DA  "O5'" "C5'"  sing N N 47  
DA  "C5'" "C4'"  sing N N 48  
DA  "C5'" "H5'"  sing N N 49  
DA  "C5'" "H5''" sing N N 50  
DA  "C4'" "O4'"  sing N N 51  
DA  "C4'" "C3'"  sing N N 52  
DA  "C4'" "H4'"  sing N N 53  
DA  "O4'" "C1'"  sing N N 54  
DA  "C3'" "O3'"  sing N N 55  
DA  "C3'" "C2'"  sing N N 56  
DA  "C3'" "H3'"  sing N N 57  
DA  "O3'" "HO3'" sing N N 58  
DA  "C2'" "C1'"  sing N N 59  
DA  "C2'" "H2'"  sing N N 60  
DA  "C2'" "H2''" sing N N 61  
DA  "C1'" N9     sing N N 62  
DA  "C1'" "H1'"  sing N N 63  
DA  N9    C8     sing Y N 64  
DA  N9    C4     sing Y N 65  
DA  C8    N7     doub Y N 66  
DA  C8    H8     sing N N 67  
DA  N7    C5     sing Y N 68  
DA  C5    C6     sing Y N 69  
DA  C5    C4     doub Y N 70  
DA  C6    N6     sing N N 71  
DA  C6    N1     doub Y N 72  
DA  N6    H61    sing N N 73  
DA  N6    H62    sing N N 74  
DA  N1    C2     sing Y N 75  
DA  C2    N3     doub Y N 76  
DA  C2    H2     sing N N 77  
DA  N3    C4     sing Y N 78  
DC  OP3   P      sing N N 79  
DC  OP3   HOP3   sing N N 80  
DC  P     OP1    doub N N 81  
DC  P     OP2    sing N N 82  
DC  P     "O5'"  sing N N 83  
DC  OP2   HOP2   sing N N 84  
DC  "O5'" "C5'"  sing N N 85  
DC  "C5'" "C4'"  sing N N 86  
DC  "C5'" "H5'"  sing N N 87  
DC  "C5'" "H5''" sing N N 88  
DC  "C4'" "O4'"  sing N N 89  
DC  "C4'" "C3'"  sing N N 90  
DC  "C4'" "H4'"  sing N N 91  
DC  "O4'" "C1'"  sing N N 92  
DC  "C3'" "O3'"  sing N N 93  
DC  "C3'" "C2'"  sing N N 94  
DC  "C3'" "H3'"  sing N N 95  
DC  "O3'" "HO3'" sing N N 96  
DC  "C2'" "C1'"  sing N N 97  
DC  "C2'" "H2'"  sing N N 98  
DC  "C2'" "H2''" sing N N 99  
DC  "C1'" N1     sing N N 100 
DC  "C1'" "H1'"  sing N N 101 
DC  N1    C2     sing N N 102 
DC  N1    C6     sing N N 103 
DC  C2    O2     doub N N 104 
DC  C2    N3     sing N N 105 
DC  N3    C4     doub N N 106 
DC  C4    N4     sing N N 107 
DC  C4    C5     sing N N 108 
DC  N4    H41    sing N N 109 
DC  N4    H42    sing N N 110 
DC  C5    C6     doub N N 111 
DC  C5    H5     sing N N 112 
DC  C6    H6     sing N N 113 
DG  OP3   P      sing N N 114 
DG  OP3   HOP3   sing N N 115 
DG  P     OP1    doub N N 116 
DG  P     OP2    sing N N 117 
DG  P     "O5'"  sing N N 118 
DG  OP2   HOP2   sing N N 119 
DG  "O5'" "C5'"  sing N N 120 
DG  "C5'" "C4'"  sing N N 121 
DG  "C5'" "H5'"  sing N N 122 
DG  "C5'" "H5''" sing N N 123 
DG  "C4'" "O4'"  sing N N 124 
DG  "C4'" "C3'"  sing N N 125 
DG  "C4'" "H4'"  sing N N 126 
DG  "O4'" "C1'"  sing N N 127 
DG  "C3'" "O3'"  sing N N 128 
DG  "C3'" "C2'"  sing N N 129 
DG  "C3'" "H3'"  sing N N 130 
DG  "O3'" "HO3'" sing N N 131 
DG  "C2'" "C1'"  sing N N 132 
DG  "C2'" "H2'"  sing N N 133 
DG  "C2'" "H2''" sing N N 134 
DG  "C1'" N9     sing N N 135 
DG  "C1'" "H1'"  sing N N 136 
DG  N9    C8     sing Y N 137 
DG  N9    C4     sing Y N 138 
DG  C8    N7     doub Y N 139 
DG  C8    H8     sing N N 140 
DG  N7    C5     sing Y N 141 
DG  C5    C6     sing N N 142 
DG  C5    C4     doub Y N 143 
DG  C6    O6     doub N N 144 
DG  C6    N1     sing N N 145 
DG  N1    C2     sing N N 146 
DG  N1    H1     sing N N 147 
DG  C2    N2     sing N N 148 
DG  C2    N3     doub N N 149 
DG  N2    H21    sing N N 150 
DG  N2    H22    sing N N 151 
DG  N3    C4     sing N N 152 
DT  OP3   P      sing N N 153 
DT  OP3   HOP3   sing N N 154 
DT  P     OP1    doub N N 155 
DT  P     OP2    sing N N 156 
DT  P     "O5'"  sing N N 157 
DT  OP2   HOP2   sing N N 158 
DT  "O5'" "C5'"  sing N N 159 
DT  "C5'" "C4'"  sing N N 160 
DT  "C5'" "H5'"  sing N N 161 
DT  "C5'" "H5''" sing N N 162 
DT  "C4'" "O4'"  sing N N 163 
DT  "C4'" "C3'"  sing N N 164 
DT  "C4'" "H4'"  sing N N 165 
DT  "O4'" "C1'"  sing N N 166 
DT  "C3'" "O3'"  sing N N 167 
DT  "C3'" "C2'"  sing N N 168 
DT  "C3'" "H3'"  sing N N 169 
DT  "O3'" "HO3'" sing N N 170 
DT  "C2'" "C1'"  sing N N 171 
DT  "C2'" "H2'"  sing N N 172 
DT  "C2'" "H2''" sing N N 173 
DT  "C1'" N1     sing N N 174 
DT  "C1'" "H1'"  sing N N 175 
DT  N1    C2     sing N N 176 
DT  N1    C6     sing N N 177 
DT  C2    O2     doub N N 178 
DT  C2    N3     sing N N 179 
DT  N3    C4     sing N N 180 
DT  N3    H3     sing N N 181 
DT  C4    O4     doub N N 182 
DT  C4    C5     sing N N 183 
DT  C5    C7     sing N N 184 
DT  C5    C6     doub N N 185 
DT  C7    H71    sing N N 186 
DT  C7    H72    sing N N 187 
DT  C7    H73    sing N N 188 
DT  C6    H6     sing N N 189 
# 
loop_
_ndb_struct_conf_na.entry_id 
_ndb_struct_conf_na.feature 
1I7V 'double helix'        
1I7V 'b-form double helix' 
# 
loop_
_ndb_struct_na_base_pair.model_number 
_ndb_struct_na_base_pair.i_label_asym_id 
_ndb_struct_na_base_pair.i_label_comp_id 
_ndb_struct_na_base_pair.i_label_seq_id 
_ndb_struct_na_base_pair.i_symmetry 
_ndb_struct_na_base_pair.j_label_asym_id 
_ndb_struct_na_base_pair.j_label_comp_id 
_ndb_struct_na_base_pair.j_label_seq_id 
_ndb_struct_na_base_pair.j_symmetry 
_ndb_struct_na_base_pair.shear 
_ndb_struct_na_base_pair.stretch 
_ndb_struct_na_base_pair.stagger 
_ndb_struct_na_base_pair.buckle 
_ndb_struct_na_base_pair.propeller 
_ndb_struct_na_base_pair.opening 
_ndb_struct_na_base_pair.pair_number 
_ndb_struct_na_base_pair.pair_name 
_ndb_struct_na_base_pair.i_auth_asym_id 
_ndb_struct_na_base_pair.i_auth_seq_id 
_ndb_struct_na_base_pair.i_PDB_ins_code 
_ndb_struct_na_base_pair.j_auth_asym_id 
_ndb_struct_na_base_pair.j_auth_seq_id 
_ndb_struct_na_base_pair.j_PDB_ins_code 
_ndb_struct_na_base_pair.hbond_type_28 
_ndb_struct_na_base_pair.hbond_type_12 
1 A DC 1  1_555 B DG 11 1_555 0.552  -0.262 0.336  -12.141 -0.330 -1.770  1  A_DC1:DG22_B  A 1  ? B 22 ? 19 1 
1 A DG 2  1_555 B DC 10 1_555 -0.420 -0.260 0.270  8.065   0.107  -2.638  2  A_DG2:DC21_B  A 2  ? B 21 ? 19 1 
1 A DG 3  1_555 B DC 9  1_555 -0.455 -0.185 -0.052 0.585   -4.694 -3.377  3  A_DG3:DC20_B  A 3  ? B 20 ? 19 1 
1 A DA 4  1_555 B DT 8  1_555 0.362  -0.073 -0.078 1.325   -3.268 -0.671  4  A_DA4:DT19_B  A 4  ? B 19 ? 20 1 
1 A DC 5  1_555 B DG 7  1_555 0.828  -0.323 -0.195 5.538   -1.748 -0.282  5  A_DC5:DG18_B  A 5  ? B 18 ? 19 1 
1 A DA 6  1_555 B DT 6  1_555 0.635  0.744  0.863  41.889  7.133  -8.055  6  A_DA6:DT17_B  A 6  ? B 17 ? ?  ? 
1 A DA 7  1_555 B DT 5  1_555 -0.032 0.344  0.082  -39.092 23.670 -18.416 7  A_DA7:DT16_B  A 7  ? B 16 ? 20 1 
1 A DG 8  1_555 B DC 4  1_555 -0.562 -0.163 0.125  -2.224  4.233  0.283   8  A_DG8:DC15_B  A 8  ? B 15 ? 19 1 
1 A DA 9  1_555 B DT 3  1_555 0.369  -0.047 0.021  10.331  -8.415 -4.507  9  A_DA9:DT14_B  A 9  ? B 14 ? 20 1 
1 A DA 10 1_555 B DT 2  1_555 0.074  -0.103 -0.006 5.403   -7.138 -3.112  10 A_DA10:DT13_B A 10 ? B 13 ? 20 1 
1 A DG 11 1_555 B DC 1  1_555 -0.529 -0.273 0.062  7.148   -6.273 -1.471  11 A_DG11:DC12_B A 11 ? B 12 ? 19 1 
# 
loop_
_ndb_struct_na_base_pair_step.model_number 
_ndb_struct_na_base_pair_step.i_label_asym_id_1 
_ndb_struct_na_base_pair_step.i_label_comp_id_1 
_ndb_struct_na_base_pair_step.i_label_seq_id_1 
_ndb_struct_na_base_pair_step.i_symmetry_1 
_ndb_struct_na_base_pair_step.j_label_asym_id_1 
_ndb_struct_na_base_pair_step.j_label_comp_id_1 
_ndb_struct_na_base_pair_step.j_label_seq_id_1 
_ndb_struct_na_base_pair_step.j_symmetry_1 
_ndb_struct_na_base_pair_step.i_label_asym_id_2 
_ndb_struct_na_base_pair_step.i_label_comp_id_2 
_ndb_struct_na_base_pair_step.i_label_seq_id_2 
_ndb_struct_na_base_pair_step.i_symmetry_2 
_ndb_struct_na_base_pair_step.j_label_asym_id_2 
_ndb_struct_na_base_pair_step.j_label_comp_id_2 
_ndb_struct_na_base_pair_step.j_label_seq_id_2 
_ndb_struct_na_base_pair_step.j_symmetry_2 
_ndb_struct_na_base_pair_step.shift 
_ndb_struct_na_base_pair_step.slide 
_ndb_struct_na_base_pair_step.rise 
_ndb_struct_na_base_pair_step.tilt 
_ndb_struct_na_base_pair_step.roll 
_ndb_struct_na_base_pair_step.twist 
_ndb_struct_na_base_pair_step.x_displacement 
_ndb_struct_na_base_pair_step.y_displacement 
_ndb_struct_na_base_pair_step.helical_rise 
_ndb_struct_na_base_pair_step.inclination 
_ndb_struct_na_base_pair_step.tip 
_ndb_struct_na_base_pair_step.helical_twist 
_ndb_struct_na_base_pair_step.step_number 
_ndb_struct_na_base_pair_step.step_name 
_ndb_struct_na_base_pair_step.i_auth_asym_id_1 
_ndb_struct_na_base_pair_step.i_auth_seq_id_1 
_ndb_struct_na_base_pair_step.i_PDB_ins_code_1 
_ndb_struct_na_base_pair_step.j_auth_asym_id_1 
_ndb_struct_na_base_pair_step.j_auth_seq_id_1 
_ndb_struct_na_base_pair_step.j_PDB_ins_code_1 
_ndb_struct_na_base_pair_step.i_auth_asym_id_2 
_ndb_struct_na_base_pair_step.i_auth_seq_id_2 
_ndb_struct_na_base_pair_step.i_PDB_ins_code_2 
_ndb_struct_na_base_pair_step.j_auth_asym_id_2 
_ndb_struct_na_base_pair_step.j_auth_seq_id_2 
_ndb_struct_na_base_pair_step.j_PDB_ins_code_2 
1 A DC 1  1_555 B DG 11 1_555 A DG 2  1_555 B DC 10 1_555 0.142  -0.560 2.477 2.513  3.116   30.193 -1.533 0.106  2.412 5.949   
-4.798 30.451 1 AA_DC1DG2:DC21DG22_BB   A 1  ? B 22 ? A 2  ? B 21 ? 
1 A DG 2  1_555 B DC 10 1_555 A DG 3  1_555 B DC 9  1_555 -0.017 -0.940 3.371 1.392  15.025  32.383 -3.659 0.225  2.685 25.298  
-2.344 35.640 2 AA_DG2DG3:DC20DC21_BB   A 2  ? B 21 ? A 3  ? B 20 ? 
1 A DG 3  1_555 B DC 9  1_555 A DA 4  1_555 B DT 8  1_555 0.398  -0.476 3.306 -0.683 3.742   38.268 -1.189 -0.690 3.240 5.690   
1.039  38.449 3 AA_DG3DA4:DT19DC20_BB   A 3  ? B 20 ? A 4  ? B 19 ? 
1 A DA 4  1_555 B DT 8  1_555 A DC 5  1_555 B DG 7  1_555 -0.185 -0.396 3.299 1.085  -3.763  37.510 -0.118 0.429  3.315 -5.833  
-1.681 37.707 4 AA_DA4DC5:DG18DT19_BB   A 4  ? B 19 ? A 5  ? B 18 ? 
1 A DC 5  1_555 B DG 7  1_555 A DA 6  1_555 B DT 6  1_555 -0.898 0.557  3.260 0.725  -10.875 33.898 2.452  1.574  2.930 -18.080 
-1.206 35.558 5 AA_DC5DA6:DT17DG18_BB   A 5  ? B 18 ? A 6  ? B 17 ? 
1 A DA 7  1_555 B DT 5  1_555 A DG 8  1_555 B DC 4  1_555 1.268  -0.471 2.609 -1.736 5.206   25.573 -2.133 -3.166 2.378 11.592  
3.865  26.145 6 AA_DA7DG8:DC15DT16_BB   A 7  ? B 16 ? A 8  ? B 15 ? 
1 A DG 8  1_555 B DC 4  1_555 A DA 9  1_555 B DT 3  1_555 -0.507 -0.293 3.015 1.247  3.044   36.631 -0.843 0.960  2.964 4.831   
-1.980 36.773 7 AA_DG8DA9:DT14DC15_BB   A 8  ? B 15 ? A 9  ? B 14 ? 
1 A DA 9  1_555 B DT 3  1_555 A DA 10 1_555 B DT 2  1_555 -0.056 -0.535 3.402 -0.329 7.293   35.190 -1.935 0.042  3.231 11.904  
0.536  35.916 8 AA_DA9DA10:DT13DT14_BB  A 9  ? B 14 ? A 10 ? B 13 ? 
1 A DA 10 1_555 B DT 2  1_555 A DG 11 1_555 B DC 1  1_555 0.008  -0.524 3.175 -0.570 2.918   33.164 -1.383 -0.105 3.118 5.100   
0.996  33.293 9 AA_DA10DG11:DC12DT13_BB A 10 ? B 13 ? A 11 ? B 12 ? 
# 
loop_
_pdbx_nmr_spectrometer.spectrometer_id 
_pdbx_nmr_spectrometer.type 
_pdbx_nmr_spectrometer.manufacturer 
_pdbx_nmr_spectrometer.model 
_pdbx_nmr_spectrometer.field_strength 
1 ? Bruker DMX 500 
2 ? Bruker DMX 750 
# 
_atom_sites.entry_id                    1I7V 
_atom_sites.fract_transf_matrix[1][1]   1.000000 
_atom_sites.fract_transf_matrix[1][2]   0.000000 
_atom_sites.fract_transf_matrix[1][3]   0.000000 
_atom_sites.fract_transf_matrix[2][1]   0.000000 
_atom_sites.fract_transf_matrix[2][2]   1.000000 
_atom_sites.fract_transf_matrix[2][3]   0.000000 
_atom_sites.fract_transf_matrix[3][1]   0.000000 
_atom_sites.fract_transf_matrix[3][2]   0.000000 
_atom_sites.fract_transf_matrix[3][3]   1.000000 
_atom_sites.fract_transf_vector[1]      0.00000 
_atom_sites.fract_transf_vector[2]      0.00000 
_atom_sites.fract_transf_vector[3]      0.00000 
# 
loop_
_atom_type.symbol 
C 
H 
N 
O 
P 
# 
loop_
_atom_site.group_PDB 
_atom_site.id 
_atom_site.type_symbol 
_atom_site.label_atom_id 
_atom_site.label_alt_id 
_atom_site.label_comp_id 
_atom_site.label_asym_id 
_atom_site.label_entity_id 
_atom_site.label_seq_id 
_atom_site.pdbx_PDB_ins_code 
_atom_site.Cartn_x 
_atom_site.Cartn_y 
_atom_site.Cartn_z 
_atom_site.occupancy 
_atom_site.B_iso_or_equiv 
_atom_site.pdbx_formal_charge 
_atom_site.auth_seq_id 
_atom_site.auth_comp_id 
_atom_site.auth_asym_id 
_atom_site.auth_atom_id 
_atom_site.pdbx_PDB_model_num 
ATOM   1   O "O5'"  . DC  A 1 1  ? -14.523 -6.697  -14.005 1.00 0.86 ? 1  DC  A "O5'"  1 
ATOM   2   C "C5'"  . DC  A 1 1  ? -15.413 -5.904  -14.794 1.00 0.91 ? 1  DC  A "C5'"  1 
ATOM   3   C "C4'"  . DC  A 1 1  ? -15.596 -4.509  -14.198 1.00 0.86 ? 1  DC  A "C4'"  1 
ATOM   4   O "O4'"  . DC  A 1 1  ? -16.091 -4.592  -12.836 1.00 0.83 ? 1  DC  A "O4'"  1 
ATOM   5   C "C3'"  . DC  A 1 1  ? -14.273 -3.752  -14.158 1.00 0.81 ? 1  DC  A "C3'"  1 
ATOM   6   O "O3'"  . DC  A 1 1  ? -14.432 -2.416  -14.657 1.00 0.86 ? 1  DC  A "O3'"  1 
ATOM   7   C "C2'"  . DC  A 1 1  ? -13.885 -3.757  -12.708 1.00 0.73 ? 1  DC  A "C2'"  1 
ATOM   8   C "C1'"  . DC  A 1 1  ? -15.193 -3.881  -11.957 1.00 0.75 ? 1  DC  A "C1'"  1 
ATOM   9   N N1     . DC  A 1 1  ? -15.011 -4.608  -10.680 1.00 0.70 ? 1  DC  A N1     1 
ATOM   10  C C2     . DC  A 1 1  ? -15.466 -3.997  -9.520  1.00 0.65 ? 1  DC  A C2     1 
ATOM   11  O O2     . DC  A 1 1  ? -15.997 -2.890  -9.567  1.00 0.64 ? 1  DC  A O2     1 
ATOM   12  N N3     . DC  A 1 1  ? -15.305 -4.654  -8.340  1.00 0.62 ? 1  DC  A N3     1 
ATOM   13  C C4     . DC  A 1 1  ? -14.725 -5.859  -8.294  1.00 0.65 ? 1  DC  A C4     1 
ATOM   14  N N4     . DC  A 1 1  ? -14.586 -6.471  -7.118  1.00 0.65 ? 1  DC  A N4     1 
ATOM   15  C C5     . DC  A 1 1  ? -14.254 -6.495  -9.484  1.00 0.70 ? 1  DC  A C5     1 
ATOM   16  C C6     . DC  A 1 1  ? -14.416 -5.840  -10.649 1.00 0.73 ? 1  DC  A C6     1 
ATOM   17  H "H5'"  . DC  A 1 1  ? -16.382 -6.400  -14.843 1.00 0.98 ? 1  DC  A "H5'"  1 
ATOM   18  H "H5''" . DC  A 1 1  ? -15.009 -5.809  -15.802 1.00 0.95 ? 1  DC  A "H5''" 1 
ATOM   19  H "H4'"  . DC  A 1 1  ? -16.311 -3.952  -14.803 1.00 0.93 ? 1  DC  A "H4'"  1 
ATOM   20  H "H3'"  . DC  A 1 1  ? -13.521 -4.286  -14.740 1.00 0.81 ? 1  DC  A "H3'"  1 
ATOM   21  H "H2'"  . DC  A 1 1  ? -13.244 -4.613  -12.499 1.00 0.71 ? 1  DC  A "H2'"  1 
ATOM   22  H "H2''" . DC  A 1 1  ? -13.379 -2.831  -12.444 1.00 0.73 ? 1  DC  A "H2''" 1 
ATOM   23  H "H1'"  . DC  A 1 1  ? -15.594 -2.885  -11.757 1.00 0.78 ? 1  DC  A "H1'"  1 
ATOM   24  H H41    . DC  A 1 1  ? -14.918 -6.025  -6.274  1.00 0.62 ? 1  DC  A H41    1 
ATOM   25  H H42    . DC  A 1 1  ? -14.150 -7.381  -7.069  1.00 0.69 ? 1  DC  A H42    1 
ATOM   26  H H5     . DC  A 1 1  ? -13.781 -7.476  -9.451  1.00 0.73 ? 1  DC  A H5     1 
ATOM   27  H H6     . DC  A 1 1  ? -14.069 -6.296  -11.576 1.00 0.78 ? 1  DC  A H6     1 
ATOM   28  H "HO5'" . DC  A 1 1  ? -14.886 -6.735  -13.118 1.00 0.98 ? 1  DC  A "HO5'" 1 
ATOM   29  P P      . DG  A 1 2  ? -13.204 -1.371  -14.640 1.00 0.86 ? 2  DG  A P      1 
ATOM   30  O OP1    . DG  A 1 2  ? -13.364 -0.450  -15.788 1.00 0.99 ? 2  DG  A OP1    1 
ATOM   31  O OP2    . DG  A 1 2  ? -11.944 -2.131  -14.475 1.00 0.80 ? 2  DG  A OP2    1 
ATOM   32  O "O5'"  . DG  A 1 2  ? -13.474 -0.544  -13.285 1.00 0.87 ? 2  DG  A "O5'"  1 
ATOM   33  C "C5'"  . DG  A 1 2  ? -14.525 0.426   -13.230 1.00 0.94 ? 2  DG  A "C5'"  1 
ATOM   34  C "C4'"  . DG  A 1 2  ? -14.489 1.231   -11.933 1.00 0.88 ? 2  DG  A "C4'"  1 
ATOM   35  O "O4'"  . DG  A 1 2  ? -14.758 0.388   -10.782 1.00 0.77 ? 2  DG  A "O4'"  1 
ATOM   36  C "C3'"  . DG  A 1 2  ? -13.122 1.872   -11.721 1.00 0.85 ? 2  DG  A "C3'"  1 
ATOM   37  O "O3'"  . DG  A 1 2  ? -13.253 3.269   -11.414 1.00 0.92 ? 2  DG  A "O3'"  1 
ATOM   38  C "C2'"  . DG  A 1 2  ? -12.521 1.105   -10.574 1.00 0.71 ? 2  DG  A "C2'"  1 
ATOM   39  C "C1'"  . DG  A 1 2  ? -13.707 0.565   -9.809  1.00 0.68 ? 2  DG  A "C1'"  1 
ATOM   40  N N9     . DG  A 1 2  ? -13.381 -0.704  -9.130  1.00 0.57 ? 2  DG  A N9     1 
ATOM   41  C C8     . DG  A 1 2  ? -12.701 -1.784  -9.586  1.00 0.56 ? 2  DG  A C8     1 
ATOM   42  N N7     . DG  A 1 2  ? -12.552 -2.782  -8.782  1.00 0.49 ? 2  DG  A N7     1 
ATOM   43  C C5     . DG  A 1 2  ? -13.212 -2.324  -7.638  1.00 0.46 ? 2  DG  A C5     1 
ATOM   44  C C6     . DG  A 1 2  ? -13.406 -2.960  -6.384  1.00 0.42 ? 2  DG  A C6     1 
ATOM   45  O O6     . DG  A 1 2  ? -13.030 -4.073  -6.027  1.00 0.43 ? 2  DG  A O6     1 
ATOM   46  N N1     . DG  A 1 2  ? -14.121 -2.153  -5.509  1.00 0.42 ? 2  DG  A N1     1 
ATOM   47  C C2     . DG  A 1 2  ? -14.595 -0.890  -5.798  1.00 0.45 ? 2  DG  A C2     1 
ATOM   48  N N2     . DG  A 1 2  ? -15.263 -0.270  -4.824  1.00 0.47 ? 2  DG  A N2     1 
ATOM   49  N N3     . DG  A 1 2  ? -14.417 -0.284  -6.974  1.00 0.50 ? 2  DG  A N3     1 
ATOM   50  C C4     . DG  A 1 2  ? -13.722 -1.052  -7.844  1.00 0.50 ? 2  DG  A C4     1 
ATOM   51  H "H5'"  . DG  A 1 2  ? -15.484 -0.084  -13.304 1.00 0.98 ? 2  DG  A "H5'"  1 
ATOM   52  H "H5''" . DG  A 1 2  ? -14.420 1.111   -14.073 1.00 1.04 ? 2  DG  A "H5''" 1 
ATOM   53  H "H4'"  . DG  A 1 2  ? -15.246 2.014   -11.981 1.00 0.96 ? 2  DG  A "H4'"  1 
ATOM   54  H "H3'"  . DG  A 1 2  ? -12.509 1.738   -12.616 1.00 0.89 ? 2  DG  A "H3'"  1 
ATOM   55  H "H2'"  . DG  A 1 2  ? -11.911 0.286   -10.954 1.00 0.69 ? 2  DG  A "H2'"  1 
ATOM   56  H "H2''" . DG  A 1 2  ? -11.925 1.759   -9.939  1.00 0.70 ? 2  DG  A "H2''" 1 
ATOM   57  H "H1'"  . DG  A 1 2  ? -14.024 1.299   -9.070  1.00 0.67 ? 2  DG  A "H1'"  1 
ATOM   58  H H8     . DG  A 1 2  ? -12.290 -1.807  -10.595 1.00 0.62 ? 2  DG  A H8     1 
ATOM   59  H H1     . DG  A 1 2  ? -14.297 -2.545  -4.595  1.00 0.43 ? 2  DG  A H1     1 
ATOM   60  H H21    . DG  A 1 2  ? -15.399 -0.729  -3.934  1.00 0.46 ? 2  DG  A H21    1 
ATOM   61  H H22    . DG  A 1 2  ? -15.633 0.656   -4.976  1.00 0.51 ? 2  DG  A H22    1 
ATOM   62  P P      . DG  A 1 3  ? -11.991 4.133   -10.908 1.00 0.92 ? 3  DG  A P      1 
ATOM   63  O OP1    . DG  A 1 3  ? -12.248 5.558   -11.223 1.00 1.06 ? 3  DG  A OP1    1 
ATOM   64  O OP2    . DG  A 1 3  ? -10.753 3.484   -11.395 1.00 0.92 ? 3  DG  A OP2    1 
ATOM   65  O "O5'"  . DG  A 1 3  ? -12.064 3.948   -9.310  1.00 0.78 ? 3  DG  A "O5'"  1 
ATOM   66  C "C5'"  . DG  A 1 3  ? -13.056 4.642   -8.548  1.00 0.74 ? 3  DG  A "C5'"  1 
ATOM   67  C "C4'"  . DG  A 1 3  ? -12.740 4.633   -7.055  1.00 0.60 ? 3  DG  A "C4'"  1 
ATOM   68  O "O4'"  . DG  A 1 3  ? -12.870 3.302   -6.489  1.00 0.49 ? 3  DG  A "O4'"  1 
ATOM   69  C "C3'"  . DG  A 1 3  ? -11.313 5.104   -6.793  1.00 0.63 ? 3  DG  A "C3'"  1 
ATOM   70  O "O3'"  . DG  A 1 3  ? -11.290 6.128   -5.788  1.00 0.64 ? 3  DG  A "O3'"  1 
ATOM   71  C "C2'"  . DG  A 1 3  ? -10.586 3.864   -6.343  1.00 0.55 ? 3  DG  A "C2'"  1 
ATOM   72  C "C1'"  . DG  A 1 3  ? -11.663 2.975   -5.767  1.00 0.43 ? 3  DG  A "C1'"  1 
ATOM   73  N N9     . DG  A 1 3  ? -11.316 1.548   -5.905  1.00 0.38 ? 3  DG  A N9     1 
ATOM   74  C C8     . DG  A 1 3  ? -10.919 0.853   -7.000  1.00 0.44 ? 3  DG  A C8     1 
ATOM   75  N N7     . DG  A 1 3  ? -10.674 -0.406  -6.854  1.00 0.39 ? 3  DG  A N7     1 
ATOM   76  C C5     . DG  A 1 3  ? -10.935 -0.592  -5.493  1.00 0.29 ? 3  DG  A C5     1 
ATOM   77  C C6     . DG  A 1 3  ? -10.851 -1.768  -4.701  1.00 0.26 ? 3  DG  A C6     1 
ATOM   78  O O6     . DG  A 1 3  ? -10.523 -2.900  -5.047  1.00 0.29 ? 3  DG  A O6     1 
ATOM   79  N N1     . DG  A 1 3  ? -11.199 -1.520  -3.380  1.00 0.27 ? 3  DG  A N1     1 
ATOM   80  C C2     . DG  A 1 3  ? -11.581 -0.293  -2.874  1.00 0.27 ? 3  DG  A C2     1 
ATOM   81  N N2     . DG  A 1 3  ? -11.879 -0.254  -1.576  1.00 0.35 ? 3  DG  A N2     1 
ATOM   82  N N3     . DG  A 1 3  ? -11.663 0.819   -3.612  1.00 0.25 ? 3  DG  A N3     1 
ATOM   83  C C4     . DG  A 1 3  ? -11.329 0.601   -4.905  1.00 0.28 ? 3  DG  A C4     1 
ATOM   84  H "H5'"  . DG  A 1 3  ? -14.025 4.168   -8.708  1.00 0.76 ? 3  DG  A "H5'"  1 
ATOM   85  H "H5''" . DG  A 1 3  ? -13.107 5.675   -8.892  1.00 0.83 ? 3  DG  A "H5''" 1 
ATOM   86  H "H4'"  . DG  A 1 3  ? -13.431 5.302   -6.542  1.00 0.60 ? 3  DG  A "H4'"  1 
ATOM   87  H "H3'"  . DG  A 1 3  ? -10.869 5.474   -7.721  1.00 0.74 ? 3  DG  A "H3'"  1 
ATOM   88  H "H2'"  . DG  A 1 3  ? -10.115 3.379   -7.198  1.00 0.60 ? 3  DG  A "H2'"  1 
ATOM   89  H "H2''" . DG  A 1 3  ? -9.844  4.101   -5.586  1.00 0.56 ? 3  DG  A "H2''" 1 
ATOM   90  H "H1'"  . DG  A 1 3  ? -11.800 3.216   -4.712  1.00 0.39 ? 3  DG  A "H1'"  1 
ATOM   91  H H8     . DG  A 1 3  ? -10.808 1.343   -7.966  1.00 0.54 ? 3  DG  A H8     1 
ATOM   92  H H1     . DG  A 1 3  ? -11.161 -2.314  -2.758  1.00 0.33 ? 3  DG  A H1     1 
ATOM   93  H H21    . DG  A 1 3  ? -11.816 -1.094  -1.018  1.00 0.43 ? 3  DG  A H21    1 
ATOM   94  H H22    . DG  A 1 3  ? -12.166 0.615   -1.149  1.00 0.38 ? 3  DG  A H22    1 
ATOM   95  P P      . DA  A 1 4  ? -9.900  6.664   -5.172  1.00 0.73 ? 4  DA  A P      1 
ATOM   96  O OP1    . DA  A 1 4  ? -10.118 8.035   -4.660  1.00 0.82 ? 4  DA  A OP1    1 
ATOM   97  O OP2    . DA  A 1 4  ? -8.822  6.406   -6.153  1.00 0.86 ? 4  DA  A OP2    1 
ATOM   98  O "O5'"  . DA  A 1 4  ? -9.682  5.684   -3.913  1.00 0.63 ? 4  DA  A "O5'"  1 
ATOM   99  C "C5'"  . DA  A 1 4  ? -10.532 5.778   -2.766  1.00 0.56 ? 4  DA  A "C5'"  1 
ATOM   100 C "C4'"  . DA  A 1 4  ? -10.016 4.927   -1.609  1.00 0.57 ? 4  DA  A "C4'"  1 
ATOM   101 O "O4'"  . DA  A 1 4  ? -10.051 3.514   -1.941  1.00 0.49 ? 4  DA  A "O4'"  1 
ATOM   102 C "C3'"  . DA  A 1 4  ? -8.572  5.284   -1.274  1.00 0.70 ? 4  DA  A "C3'"  1 
ATOM   103 O "O3'"  . DA  A 1 4  ? -8.401  5.457   0.140   1.00 0.79 ? 4  DA  A "O3'"  1 
ATOM   104 C "C2'"  . DA  A 1 4  ? -7.774  4.118   -1.788  1.00 0.68 ? 4  DA  A "C2'"  1 
ATOM   105 C "C1'"  . DA  A 1 4  ? -8.735  2.951   -1.756  1.00 0.55 ? 4  DA  A "C1'"  1 
ATOM   106 N N9     . DA  A 1 4  ? -8.417  1.965   -2.809  1.00 0.48 ? 4  DA  A N9     1 
ATOM   107 C C8     . DA  A 1 4  ? -8.243  2.143   -4.142  1.00 0.51 ? 4  DA  A C8     1 
ATOM   108 N N7     . DA  A 1 4  ? -7.965  1.101   -4.852  1.00 0.48 ? 4  DA  A N7     1 
ATOM   109 C C5     . DA  A 1 4  ? -7.947  0.096   -3.880  1.00 0.40 ? 4  DA  A C5     1 
ATOM   110 C C6     . DA  A 1 4  ? -7.711  -1.281  -3.946  1.00 0.36 ? 4  DA  A C6     1 
ATOM   111 N N6     . DA  A 1 4  ? -7.435  -1.921  -5.083  1.00 0.37 ? 4  DA  A N6     1 
ATOM   112 N N1     . DA  A 1 4  ? -7.773  -1.974  -2.795  1.00 0.40 ? 4  DA  A N1     1 
ATOM   113 C C2     . DA  A 1 4  ? -8.049  -1.355  -1.646  1.00 0.47 ? 4  DA  A C2     1 
ATOM   114 N N3     . DA  A 1 4  ? -8.287  -0.060  -1.470  1.00 0.48 ? 4  DA  A N3     1 
ATOM   115 C C4     . DA  A 1 4  ? -8.222  0.613   -2.636  1.00 0.43 ? 4  DA  A C4     1 
ATOM   116 H "H5'"  . DA  A 1 4  ? -11.534 5.443   -3.035  1.00 0.49 ? 4  DA  A "H5'"  1 
ATOM   117 H "H5''" . DA  A 1 4  ? -10.580 6.820   -2.445  1.00 0.62 ? 4  DA  A "H5''" 1 
ATOM   118 H "H4'"  . DA  A 1 4  ? -10.639 5.101   -0.732  1.00 0.57 ? 4  DA  A "H4'"  1 
ATOM   119 H "H3'"  . DA  A 1 4  ? -8.284  6.194   -1.806  1.00 0.77 ? 4  DA  A "H3'"  1 
ATOM   120 H "H2'"  . DA  A 1 4  ? -7.450  4.312   -2.815  1.00 0.70 ? 4  DA  A "H2'"  1 
ATOM   121 H "H2''" . DA  A 1 4  ? -6.914  3.922   -1.146  1.00 0.74 ? 4  DA  A "H2''" 1 
ATOM   122 H "H1'"  . DA  A 1 4  ? -8.685  2.468   -0.778  1.00 0.58 ? 4  DA  A "H1'"  1 
ATOM   123 H H8     . DA  A 1 4  ? -8.332  3.131   -4.598  1.00 0.59 ? 4  DA  A H8     1 
ATOM   124 H H61    . DA  A 1 4  ? -7.388  -1.407  -5.951  1.00 0.42 ? 4  DA  A H61    1 
ATOM   125 H H62    . DA  A 1 4  ? -7.272  -2.918  -5.075  1.00 0.36 ? 4  DA  A H62    1 
ATOM   126 H H2     . DA  A 1 4  ? -8.083  -1.980  -0.754  1.00 0.56 ? 4  DA  A H2     1 
ATOM   127 P P      . DC  A 1 5  ? -6.957  5.804   0.774   1.00 0.94 ? 5  DC  A P      1 
ATOM   128 O OP1    . DC  A 1 5  ? -7.153  6.798   1.853   1.00 1.10 ? 5  DC  A OP1    1 
ATOM   129 O OP2    . DC  A 1 5  ? -6.017  6.094   -0.332  1.00 0.97 ? 5  DC  A OP2    1 
ATOM   130 O "O5'"  . DC  A 1 5  ? -6.525  4.405   1.448   1.00 0.89 ? 5  DC  A "O5'"  1 
ATOM   131 C "C5'"  . DC  A 1 5  ? -7.249  3.884   2.569   1.00 0.91 ? 5  DC  A "C5'"  1 
ATOM   132 C "C4'"  . DC  A 1 5  ? -6.712  2.524   3.009   1.00 0.86 ? 5  DC  A "C4'"  1 
ATOM   133 O "O4'"  . DC  A 1 5  ? -6.770  1.568   1.919   1.00 0.77 ? 5  DC  A "O4'"  1 
ATOM   134 C "C3'"  . DC  A 1 5  ? -5.256  2.622   3.454   1.00 0.89 ? 5  DC  A "C3'"  1 
ATOM   135 O "O3'"  . DC  A 1 5  ? -5.057  1.937   4.700   1.00 0.92 ? 5  DC  A "O3'"  1 
ATOM   136 C "C2'"  . DC  A 1 5  ? -4.481  1.979   2.337   1.00 0.82 ? 5  DC  A "C2'"  1 
ATOM   137 C "C1'"  . DC  A 1 5  ? -5.454  1.016   1.695   1.00 0.74 ? 5  DC  A "C1'"  1 
ATOM   138 N N1     . DC  A 1 5  ? -5.186  0.864   0.250   1.00 0.69 ? 5  DC  A N1     1 
ATOM   139 C C2     . DC  A 1 5  ? -4.988  -0.419  -0.238  1.00 0.63 ? 5  DC  A C2     1 
ATOM   140 O O2     . DC  A 1 5  ? -5.032  -1.386  0.519   1.00 0.62 ? 5  DC  A O2     1 
ATOM   141 N N3     . DC  A 1 5  ? -4.745  -0.572  -1.567  1.00 0.59 ? 5  DC  A N3     1 
ATOM   142 C C4     . DC  A 1 5  ? -4.697  0.486   -2.387  1.00 0.61 ? 5  DC  A C4     1 
ATOM   143 N N4     . DC  A 1 5  ? -4.455  0.293   -3.683  1.00 0.60 ? 5  DC  A N4     1 
ATOM   144 C C5     . DC  A 1 5  ? -4.902  1.811   -1.889  1.00 0.68 ? 5  DC  A C5     1 
ATOM   145 C C6     . DC  A 1 5  ? -5.141  1.953   -0.572  1.00 0.71 ? 5  DC  A C6     1 
ATOM   146 H "H5'"  . DC  A 1 5  ? -8.299  3.779   2.294   1.00 0.89 ? 5  DC  A "H5'"  1 
ATOM   147 H "H5''" . DC  A 1 5  ? -7.168  4.585   3.400   1.00 1.01 ? 5  DC  A "H5''" 1 
ATOM   148 H "H4'"  . DC  A 1 5  ? -7.315  2.153   3.837   1.00 0.89 ? 5  DC  A "H4'"  1 
ATOM   149 H "H3'"  . DC  A 1 5  ? -4.967  3.672   3.548   1.00 0.95 ? 5  DC  A "H3'"  1 
ATOM   150 H "H2'"  . DC  A 1 5  ? -4.166  2.735   1.618   1.00 0.84 ? 5  DC  A "H2'"  1 
ATOM   151 H "H2''" . DC  A 1 5  ? -3.615  1.443   2.724   1.00 0.83 ? 5  DC  A "H2''" 1 
ATOM   152 H "H1'"  . DC  A 1 5  ? -5.380  0.044   2.185   1.00 0.72 ? 5  DC  A "H1'"  1 
ATOM   153 H H41    . DC  A 1 5  ? -4.312  -0.643  -4.035  1.00 0.58 ? 5  DC  A H41    1 
ATOM   154 H H42    . DC  A 1 5  ? -4.417  1.082   -4.313  1.00 0.64 ? 5  DC  A H42    1 
ATOM   155 H H5     . DC  A 1 5  ? -4.863  2.677   -2.551  1.00 0.71 ? 5  DC  A H5     1 
ATOM   156 H H6     . DC  A 1 5  ? -5.297  2.946   -0.155  1.00 0.77 ? 5  DC  A H6     1 
ATOM   157 P P      . DA  A 1 6  ? -3.581  1.705   5.307   1.00 0.94 ? 6  DA  A P      1 
ATOM   158 O OP1    . DA  A 1 6  ? -3.645  1.911   6.771   1.00 1.05 ? 6  DA  A OP1    1 
ATOM   159 O OP2    . DA  A 1 6  ? -2.612  2.478   4.497   1.00 0.98 ? 6  DA  A OP2    1 
ATOM   160 O "O5'"  . DA  A 1 6  ? -3.335  0.137   5.026   1.00 0.80 ? 6  DA  A "O5'"  1 
ATOM   161 C "C5'"  . DA  A 1 6  ? -3.821  -0.853  5.940   1.00 0.79 ? 6  DA  A "C5'"  1 
ATOM   162 C "C4'"  . DA  A 1 6  ? -2.675  -1.614  6.602   1.00 0.61 ? 6  DA  A "C4'"  1 
ATOM   163 O "O4'"  . DA  A 1 6  ? -1.953  -2.399  5.630   1.00 0.54 ? 6  DA  A "O4'"  1 
ATOM   164 C "C3'"  . DA  A 1 6  ? -1.694  -0.649  7.255   1.00 0.47 ? 6  DA  A "C3'"  1 
ATOM   165 O "O3'"  . DA  A 1 6  ? -1.573  -0.919  8.658   1.00 0.44 ? 6  DA  A "O3'"  1 
ATOM   166 C "C2'"  . DA  A 1 6  ? -0.380  -0.861  6.544   1.00 0.49 ? 6  DA  A "C2'"  1 
ATOM   167 C "C1'"  . DA  A 1 6  ? -0.656  -1.818  5.394   1.00 0.48 ? 6  DA  A "C1'"  1 
ATOM   168 N N9     . DA  A 1 6  ? -0.643  -1.131  4.077   1.00 0.48 ? 6  DA  A N9     1 
ATOM   169 C C8     . DA  A 1 6  ? -0.517  0.190   3.767   1.00 0.55 ? 6  DA  A C8     1 
ATOM   170 N N7     . DA  A 1 6  ? -0.552  0.514   2.517   1.00 0.56 ? 6  DA  A N7     1 
ATOM   171 C C5     . DA  A 1 6  ? -0.724  -0.731  1.906   1.00 0.48 ? 6  DA  A C5     1 
ATOM   172 C C6     . DA  A 1 6  ? -0.844  -1.121  0.566   1.00 0.47 ? 6  DA  A C6     1 
ATOM   173 N N6     . DA  A 1 6  ? -0.806  -0.259  -0.450  1.00 0.50 ? 6  DA  A N6     1 
ATOM   174 N N1     . DA  A 1 6  ? -1.003  -2.433  0.313   1.00 0.49 ? 6  DA  A N1     1 
ATOM   175 C C2     . DA  A 1 6  ? -1.042  -3.312  1.315   1.00 0.51 ? 6  DA  A C2     1 
ATOM   176 N N3     . DA  A 1 6  ? -0.939  -3.054  2.615   1.00 0.49 ? 6  DA  A N3     1 
ATOM   177 C C4     . DA  A 1 6  ? -0.780  -1.735  2.845   1.00 0.46 ? 6  DA  A C4     1 
ATOM   178 H "H5'"  . DA  A 1 6  ? -4.451  -1.560  5.398   1.00 0.88 ? 6  DA  A "H5'"  1 
ATOM   179 H "H5''" . DA  A 1 6  ? -4.417  -0.365  6.711   1.00 0.89 ? 6  DA  A "H5''" 1 
ATOM   180 H "H4'"  . DA  A 1 6  ? -3.083  -2.279  7.364   1.00 0.70 ? 6  DA  A "H4'"  1 
ATOM   181 H "H3'"  . DA  A 1 6  ? -2.034  0.379   7.099   1.00 0.46 ? 6  DA  A "H3'"  1 
ATOM   182 H "H2'"  . DA  A 1 6  ? 0.004   0.086   6.169   1.00 0.51 ? 6  DA  A "H2'"  1 
ATOM   183 H "H2''" . DA  A 1 6  ? 0.337   -1.308  7.230   1.00 0.51 ? 6  DA  A "H2''" 1 
ATOM   184 H "H1'"  . DA  A 1 6  ? 0.099   -2.609  5.396   1.00 0.46 ? 6  DA  A "H1'"  1 
ATOM   185 H H8     . DA  A 1 6  ? -0.393  0.949   4.539   1.00 0.63 ? 6  DA  A H8     1 
ATOM   186 H H61    . DA  A 1 6  ? -0.688  0.728   -0.271  1.00 0.55 ? 6  DA  A H61    1 
ATOM   187 H H62    . DA  A 1 6  ? -0.896  -0.593  -1.399  1.00 0.50 ? 6  DA  A H62    1 
ATOM   188 H H2     . DA  A 1 6  ? -1.173  -4.358  1.037   1.00 0.60 ? 6  DA  A H2     1 
ATOM   189 P P      . DA  A 1 7  ? -0.882  0.146   9.652   1.00 0.34 ? 7  DA  A P      1 
ATOM   190 O OP1    . DA  A 1 7  ? -1.711  0.244   10.874  1.00 0.42 ? 7  DA  A OP1    1 
ATOM   191 O OP2    . DA  A 1 7  ? -0.561  1.368   8.881   1.00 0.39 ? 7  DA  A OP2    1 
ATOM   192 O "O5'"  . DA  A 1 7  ? 0.502   -0.580  10.041  1.00 0.39 ? 7  DA  A "O5'"  1 
ATOM   193 C "C5'"  . DA  A 1 7  ? 0.500   -1.867  10.671  1.00 0.45 ? 7  DA  A "C5'"  1 
ATOM   194 C "C4'"  . DA  A 1 7  ? 1.818   -2.603  10.442  1.00 0.46 ? 7  DA  A "C4'"  1 
ATOM   195 O "O4'"  . DA  A 1 7  ? 2.112   -2.687  9.024   1.00 0.43 ? 7  DA  A "O4'"  1 
ATOM   196 C "C3'"  . DA  A 1 7  ? 2.976   -1.880  11.112  1.00 0.43 ? 7  DA  A "C3'"  1 
ATOM   197 O "O3'"  . DA  A 1 7  ? 3.808   -2.799  11.836  1.00 0.53 ? 7  DA  A "O3'"  1 
ATOM   198 C "C2'"  . DA  A 1 7  ? 3.723   -1.247  9.973   1.00 0.36 ? 7  DA  A "C2'"  1 
ATOM   199 C "C1'"  . DA  A 1 7  ? 3.409   -2.110  8.773   1.00 0.36 ? 7  DA  A "C1'"  1 
ATOM   200 N N9     . DA  A 1 7  ? 3.405   -1.295  7.549   1.00 0.28 ? 7  DA  A N9     1 
ATOM   201 C C8     . DA  A 1 7  ? 2.625   -0.240  7.225   1.00 0.25 ? 7  DA  A C8     1 
ATOM   202 N N7     . DA  A 1 7  ? 2.855   0.349   6.104   1.00 0.21 ? 7  DA  A N7     1 
ATOM   203 C C5     . DA  A 1 7  ? 3.925   -0.402  5.608   1.00 0.22 ? 7  DA  A C5     1 
ATOM   204 C C6     . DA  A 1 7  ? 4.674   -0.307  4.433   1.00 0.23 ? 7  DA  A C6     1 
ATOM   205 N N6     . DA  A 1 7  ? 4.376   0.591   3.460   1.00 0.24 ? 7  DA  A N6     1 
ATOM   206 N N1     . DA  A 1 7  ? 5.685   -1.225  4.264   1.00 0.26 ? 7  DA  A N1     1 
ATOM   207 C C2     . DA  A 1 7  ? 5.901   -2.155  5.197   1.00 0.28 ? 7  DA  A C2     1 
ATOM   208 N N3     . DA  A 1 7  ? 5.241   -2.320  6.336   1.00 0.30 ? 7  DA  A N3     1 
ATOM   209 C C4     . DA  A 1 7  ? 4.264   -1.406  6.482   1.00 0.26 ? 7  DA  A C4     1 
ATOM   210 H "H5'"  . DA  A 1 7  ? -0.315  -2.463  10.259  1.00 0.53 ? 7  DA  A "H5'"  1 
ATOM   211 H "H5''" . DA  A 1 7  ? 0.342   -1.740  11.742  1.00 0.50 ? 7  DA  A "H5''" 1 
ATOM   212 H "H4'"  . DA  A 1 7  ? 1.749   -3.603  10.851  1.00 0.53 ? 7  DA  A "H4'"  1 
ATOM   213 H "H3'"  . DA  A 1 7  ? 2.589   -1.112  11.783  1.00 0.42 ? 7  DA  A "H3'"  1 
ATOM   214 H "H2'"  . DA  A 1 7  ? 3.371   -0.228  9.807   1.00 0.32 ? 7  DA  A "H2'"  1 
ATOM   215 H "H2''" . DA  A 1 7  ? 4.791   -1.252  10.170  1.00 0.40 ? 7  DA  A "H2''" 1 
ATOM   216 H "H1'"  . DA  A 1 7  ? 4.151   -2.902  8.683   1.00 0.42 ? 7  DA  A "H1'"  1 
ATOM   217 H H8     . DA  A 1 7  ? 1.843   0.110   7.897   1.00 0.26 ? 7  DA  A H8     1 
ATOM   218 H H61    . DA  A 1 7  ? 4.960   0.617   2.636   1.00 0.27 ? 7  DA  A H61    1 
ATOM   219 H H2     . DA  A 1 7  ? 6.719   -2.851  5.007   1.00 0.31 ? 7  DA  A H2     1 
ATOM   220 P P      . DG  A 1 8  ? 5.238   -2.339  12.426  1.00 0.55 ? 8  DG  A P      1 
ATOM   221 O OP1    . DG  A 1 8  ? 5.659   -3.328  13.444  1.00 0.70 ? 8  DG  A OP1    1 
ATOM   222 O OP2    . DG  A 1 8  ? 5.157   -0.904  12.782  1.00 0.55 ? 8  DG  A OP2    1 
ATOM   223 O "O5'"  . DG  A 1 8  ? 6.207   -2.487  11.145  1.00 0.50 ? 8  DG  A "O5'"  1 
ATOM   224 C "C5'"  . DG  A 1 8  ? 6.534   -3.784  10.639  1.00 0.49 ? 8  DG  A "C5'"  1 
ATOM   225 C "C4'"  . DG  A 1 8  ? 7.708   -3.746  9.662   1.00 0.41 ? 8  DG  A "C4'"  1 
ATOM   226 O "O4'"  . DG  A 1 8  ? 7.363   -3.055  8.432   1.00 0.37 ? 8  DG  A "O4'"  1 
ATOM   227 C "C3'"  . DG  A 1 8  ? 8.914   -3.030  10.265  1.00 0.40 ? 8  DG  A "C3'"  1 
ATOM   228 O "O3'"  . DG  A 1 8  ? 10.087  -3.851  10.179  1.00 0.39 ? 8  DG  A "O3'"  1 
ATOM   229 C "C2'"  . DG  A 1 8  ? 9.052   -1.770  9.451   1.00 0.35 ? 8  DG  A "C2'"  1 
ATOM   230 C "C1'"  . DG  A 1 8  ? 8.393   -2.090  8.131   1.00 0.30 ? 8  DG  A "C1'"  1 
ATOM   231 N N9     . DG  A 1 8  ? 7.832   -0.880  7.494   1.00 0.28 ? 8  DG  A N9     1 
ATOM   232 C C8     . DG  A 1 8  ? 7.042   0.090   8.016   1.00 0.31 ? 8  DG  A C8     1 
ATOM   233 N N7     . DG  A 1 8  ? 6.680   1.053   7.232   1.00 0.31 ? 8  DG  A N7     1 
ATOM   234 C C5     . DG  A 1 8  ? 7.301   0.693   6.032   1.00 0.28 ? 8  DG  A C5     1 
ATOM   235 C C6     . DG  A 1 8  ? 7.293   1.345   4.769   1.00 0.31 ? 8  DG  A C6     1 
ATOM   236 O O6     . DG  A 1 8  ? 6.726   2.389   4.450   1.00 0.35 ? 8  DG  A O6     1 
ATOM   237 N N1     . DG  A 1 8  ? 8.041   0.649   3.831   1.00 0.32 ? 8  DG  A N1     1 
ATOM   238 C C2     . DG  A 1 8  ? 8.718   -0.530  4.068   1.00 0.30 ? 8  DG  A C2     1 
ATOM   239 N N2     . DG  A 1 8  ? 9.384   -1.050  3.037   1.00 0.35 ? 8  DG  A N2     1 
ATOM   240 N N3     . DG  A 1 8  ? 8.733   -1.149  5.252   1.00 0.28 ? 8  DG  A N3     1 
ATOM   241 C C4     . DG  A 1 8  ? 8.008   -0.489  6.185   1.00 0.27 ? 8  DG  A C4     1 
ATOM   242 H "H5'"  . DG  A 1 8  ? 5.663   -4.196  10.129  1.00 0.56 ? 8  DG  A "H5'"  1 
ATOM   243 H "H5''" . DG  A 1 8  ? 6.793   -4.434  11.475  1.00 0.55 ? 8  DG  A "H5''" 1 
ATOM   244 H "H4'"  . DG  A 1 8  ? 7.994   -4.768  9.418   1.00 0.43 ? 8  DG  A "H4'"  1 
ATOM   245 H "H3'"  . DG  A 1 8  ? 8.707   -2.773  11.306  1.00 0.47 ? 8  DG  A "H3'"  1 
ATOM   246 H "H2'"  . DG  A 1 8  ? 8.532   -0.949  9.943   1.00 0.38 ? 8  DG  A "H2'"  1 
ATOM   247 H "H2''" . DG  A 1 8  ? 10.101  -1.519  9.302   1.00 0.34 ? 8  DG  A "H2''" 1 
ATOM   248 H "H1'"  . DG  A 1 8  ? 9.127   -2.544  7.465   1.00 0.28 ? 8  DG  A "H1'"  1 
ATOM   249 H H8     . DG  A 1 8  ? 6.724   0.058   9.058   1.00 0.36 ? 8  DG  A H8     1 
ATOM   250 H H1     . DG  A 1 8  ? 8.078   1.056   2.907   1.00 0.35 ? 8  DG  A H1     1 
ATOM   251 H H21    . DG  A 1 8  ? 9.373   -0.583  2.142   1.00 0.38 ? 8  DG  A H21    1 
ATOM   252 H H22    . DG  A 1 8  ? 9.899   -1.912  3.152   1.00 0.36 ? 8  DG  A H22    1 
ATOM   253 P P      . DA  A 1 9  ? 11.536  -3.301  10.627  1.00 0.41 ? 9  DA  A P      1 
ATOM   254 O OP1    . DA  A 1 9  ? 12.236  -4.381  11.359  1.00 0.52 ? 9  DA  A OP1    1 
ATOM   255 O OP2    . DA  A 1 9  ? 11.362  -1.974  11.260  1.00 0.46 ? 9  DA  A OP2    1 
ATOM   256 O "O5'"  . DA  A 1 9  ? 12.276  -3.090  9.212   1.00 0.38 ? 9  DA  A "O5'"  1 
ATOM   257 C "C5'"  . DA  A 1 9  ? 12.501  -4.203  8.342   1.00 0.38 ? 9  DA  A "C5'"  1 
ATOM   258 C "C4'"  . DA  A 1 9  ? 13.137  -3.771  7.023   1.00 0.32 ? 9  DA  A "C4'"  1 
ATOM   259 O "O4'"  . DA  A 1 9  ? 12.282  -2.834  6.318   1.00 0.33 ? 9  DA  A "O4'"  1 
ATOM   260 C "C3'"  . DA  A 1 9  ? 14.475  -3.080  7.262   1.00 0.31 ? 9  DA  A "C3'"  1 
ATOM   261 O "O3'"  . DA  A 1 9  ? 15.481  -3.593  6.378   1.00 0.33 ? 9  DA  A "O3'"  1 
ATOM   262 C "C2'"  . DA  A 1 9  ? 14.196  -1.627  6.996   1.00 0.32 ? 9  DA  A "C2'"  1 
ATOM   263 C "C1'"  . DA  A 1 9  ? 13.023  -1.625  6.040   1.00 0.32 ? 9  DA  A "C1'"  1 
ATOM   264 N N9     . DA  A 1 9  ? 12.175  -0.430  6.229   1.00 0.32 ? 9  DA  A N9     1 
ATOM   265 C C8     . DA  A 1 9  ? 11.639  0.084   7.363   1.00 0.36 ? 9  DA  A C8     1 
ATOM   266 N N7     . DA  A 1 9  ? 10.920  1.151   7.255   1.00 0.37 ? 9  DA  A N7     1 
ATOM   267 C C5     . DA  A 1 9  ? 10.976  1.388   5.878   1.00 0.34 ? 9  DA  A C5     1 
ATOM   268 C C6     . DA  A 1 9  ? 10.420  2.381   5.065   1.00 0.36 ? 9  DA  A C6     1 
ATOM   269 N N6     . DA  A 1 9  ? 9.663   3.370   5.540   1.00 0.39 ? 9  DA  A N6     1 
ATOM   270 N N1     . DA  A 1 9  ? 10.675  2.317   3.746   1.00 0.37 ? 9  DA  A N1     1 
ATOM   271 C C2     . DA  A 1 9  ? 11.432  1.335   3.252   1.00 0.38 ? 9  DA  A C2     1 
ATOM   272 N N3     . DA  A 1 9  ? 12.007  0.346   3.929   1.00 0.35 ? 9  DA  A N3     1 
ATOM   273 C C4     . DA  A 1 9  ? 11.738  0.432   5.247   1.00 0.33 ? 9  DA  A C4     1 
ATOM   274 H "H5'"  . DA  A 1 9  ? 11.548  -4.690  8.132   1.00 0.45 ? 9  DA  A "H5'"  1 
ATOM   275 H "H5''" . DA  A 1 9  ? 13.162  -4.914  8.838   1.00 0.42 ? 9  DA  A "H5''" 1 
ATOM   276 H "H4'"  . DA  A 1 9  ? 13.295  -4.648  6.396   1.00 0.34 ? 9  DA  A "H4'"  1 
ATOM   277 H "H3'"  . DA  A 1 9  ? 14.780  -3.213  8.303   1.00 0.35 ? 9  DA  A "H3'"  1 
ATOM   278 H "H2'"  . DA  A 1 9  ? 13.928  -1.121  7.924   1.00 0.34 ? 9  DA  A "H2'"  1 
ATOM   279 H "H2''" . DA  A 1 9  ? 15.060  -1.148  6.539   1.00 0.35 ? 9  DA  A "H2''" 1 
ATOM   280 H "H1'"  . DA  A 1 9  ? 13.391  -1.653  5.014   1.00 0.34 ? 9  DA  A "H1'"  1 
ATOM   281 H H8     . DA  A 1 9  ? 11.811  -0.385  8.333   1.00 0.38 ? 9  DA  A H8     1 
ATOM   282 H H61    . DA  A 1 9  ? 9.468   3.426   6.529   1.00 0.41 ? 9  DA  A H61    1 
ATOM   283 H H62    . DA  A 1 9  ? 9.285   4.064   4.910   1.00 0.40 ? 9  DA  A H62    1 
ATOM   284 H H2     . DA  A 1 9  ? 11.597  1.345   2.175   1.00 0.42 ? 9  DA  A H2     1 
ATOM   285 P P      . DA  A 1 10 ? 16.998  -3.051  6.443   1.00 0.35 ? 10 DA  A P      1 
ATOM   286 O OP1    . DA  A 1 10 ? 17.904  -4.168  6.095   1.00 0.46 ? 10 DA  A OP1    1 
ATOM   287 O OP2    . DA  A 1 10 ? 17.182  -2.324  7.720   1.00 0.43 ? 10 DA  A OP2    1 
ATOM   288 O "O5'"  . DA  A 1 10 ? 17.035  -1.977  5.243   1.00 0.32 ? 10 DA  A "O5'"  1 
ATOM   289 C "C5'"  . DA  A 1 10 ? 17.086  -2.412  3.880   1.00 0.32 ? 10 DA  A "C5'"  1 
ATOM   290 C "C4'"  . DA  A 1 10 ? 17.266  -1.240  2.920   1.00 0.33 ? 10 DA  A "C4'"  1 
ATOM   291 O "O4'"  . DA  A 1 10 ? 16.136  -0.335  2.986   1.00 0.34 ? 10 DA  A "O4'"  1 
ATOM   292 C "C3'"  . DA  A 1 10 ? 18.515  -0.439  3.266   1.00 0.33 ? 10 DA  A "C3'"  1 
ATOM   293 O "O3'"  . DA  A 1 10 ? 19.296  -0.178  2.091   1.00 0.43 ? 10 DA  A "O3'"  1 
ATOM   294 C "C2'"  . DA  A 1 10 ? 17.988  0.830   3.878   1.00 0.30 ? 10 DA  A "C2'"  1 
ATOM   295 C "C1'"  . DA  A 1 10 ? 16.608  0.997   3.283   1.00 0.31 ? 10 DA  A "C1'"  1 
ATOM   296 N N9     . DA  A 1 10 ? 15.696  1.682   4.222   1.00 0.29 ? 10 DA  A N9     1 
ATOM   297 C C8     . DA  A 1 10 ? 15.423  1.402   5.521   1.00 0.29 ? 10 DA  A C8     1 
ATOM   298 N N7     . DA  A 1 10 ? 14.570  2.156   6.128   1.00 0.32 ? 10 DA  A N7     1 
ATOM   299 C C5     . DA  A 1 10 ? 14.221  3.057   5.119   1.00 0.32 ? 10 DA  A C5     1 
ATOM   300 C C6     . DA  A 1 10 ? 13.343  4.144   5.085   1.00 0.35 ? 10 DA  A C6     1 
ATOM   301 N N6     . DA  A 1 10 ? 12.622  4.529   6.137   1.00 0.39 ? 10 DA  A N6     1 
ATOM   302 N N1     . DA  A 1 10 ? 13.239  4.818   3.925   1.00 0.37 ? 10 DA  A N1     1 
ATOM   303 C C2     . DA  A 1 10 ? 13.954  4.447   2.861   1.00 0.39 ? 10 DA  A C2     1 
ATOM   304 N N3     . DA  A 1 10 ? 14.813  3.437   2.784   1.00 0.37 ? 10 DA  A N3     1 
ATOM   305 C C4     . DA  A 1 10 ? 14.902  2.776   3.955   1.00 0.31 ? 10 DA  A C4     1 
ATOM   306 H "H5'"  . DA  A 1 10 ? 16.159  -2.931  3.637   1.00 0.39 ? 10 DA  A "H5'"  1 
ATOM   307 H "H5''" . DA  A 1 10 ? 17.922  -3.103  3.759   1.00 0.34 ? 10 DA  A "H5''" 1 
ATOM   308 H "H4'"  . DA  A 1 10 ? 17.356  -1.619  1.903   1.00 0.40 ? 10 DA  A "H4'"  1 
ATOM   309 H "H3'"  . DA  A 1 10 ? 19.110  -0.981  4.002   1.00 0.35 ? 10 DA  A "H3'"  1 
ATOM   310 H "H2'"  . DA  A 1 10 ? 17.923  0.722   4.960   1.00 0.29 ? 10 DA  A "H2'"  1 
ATOM   311 H "H2''" . DA  A 1 10 ? 18.621  1.676   3.618   1.00 0.34 ? 10 DA  A "H2''" 1 
ATOM   312 H "H1'"  . DA  A 1 10 ? 16.684  1.569   2.359   1.00 0.38 ? 10 DA  A "H1'"  1 
ATOM   313 H H8     . DA  A 1 10 ? 15.907  0.572   6.033   1.00 0.31 ? 10 DA  A H8     1 
ATOM   314 H H61    . DA  A 1 10 ? 12.697  4.027   7.010   1.00 0.41 ? 10 DA  A H61    1 
ATOM   315 H H62    . DA  A 1 10 ? 12.001  5.322   6.063   1.00 0.43 ? 10 DA  A H62    1 
ATOM   316 H H2     . DA  A 1 10 ? 13.818  5.039   1.956   1.00 0.44 ? 10 DA  A H2     1 
ATOM   317 P P      . DG  A 1 11 ? 20.625  0.731   2.159   1.00 0.51 ? 11 DG  A P      1 
ATOM   318 O OP1    . DG  A 1 11 ? 21.576  0.236   1.137   1.00 0.65 ? 11 DG  A OP1    1 
ATOM   319 O OP2    . DG  A 1 11 ? 21.051  0.836   3.573   1.00 0.51 ? 11 DG  A OP2    1 
ATOM   320 O "O5'"  . DG  A 1 11 ? 20.080  2.170   1.687   1.00 0.52 ? 11 DG  A "O5'"  1 
ATOM   321 C "C5'"  . DG  A 1 11 ? 19.711  2.393   0.322   1.00 0.59 ? 11 DG  A "C5'"  1 
ATOM   322 C "C4'"  . DG  A 1 11 ? 19.443  3.869   0.046   1.00 0.59 ? 11 DG  A "C4'"  1 
ATOM   323 O "O4'"  . DG  A 1 11 ? 18.290  4.337   0.791   1.00 0.51 ? 11 DG  A "O4'"  1 
ATOM   324 C "C3'"  . DG  A 1 11 ? 20.634  4.724   0.465   1.00 0.59 ? 11 DG  A "C3'"  1 
ATOM   325 O "O3'"  . DG  A 1 11 ? 20.956  5.685   -0.545  1.00 0.69 ? 11 DG  A "O3'"  1 
ATOM   326 C "C2'"  . DG  A 1 11 ? 20.181  5.400   1.727   1.00 0.50 ? 11 DG  A "C2'"  1 
ATOM   327 C "C1'"  . DG  A 1 11 ? 18.675  5.465   1.605   1.00 0.45 ? 11 DG  A "C1'"  1 
ATOM   328 N N9     . DG  A 1 11 ? 18.021  5.411   2.927   1.00 0.35 ? 11 DG  A N9     1 
ATOM   329 C C8     . DG  A 1 11 ? 18.218  4.555   3.961   1.00 0.35 ? 11 DG  A C8     1 
ATOM   330 N N7     . DG  A 1 11 ? 17.502  4.724   5.023   1.00 0.28 ? 11 DG  A N7     1 
ATOM   331 C C5     . DG  A 1 11 ? 16.723  5.829   4.668   1.00 0.24 ? 11 DG  A C5     1 
ATOM   332 C C6     . DG  A 1 11 ? 15.725  6.514   5.409   1.00 0.25 ? 11 DG  A C6     1 
ATOM   333 O O6     . DG  A 1 11 ? 15.322  6.279   6.545   1.00 0.30 ? 11 DG  A O6     1 
ATOM   334 N N1     . DG  A 1 11 ? 15.187  7.569   4.685   1.00 0.28 ? 11 DG  A N1     1 
ATOM   335 C C2     . DG  A 1 11 ? 15.559  7.928   3.404   1.00 0.30 ? 11 DG  A C2     1 
ATOM   336 N N2     . DG  A 1 11 ? 14.926  8.974   2.874   1.00 0.36 ? 11 DG  A N2     1 
ATOM   337 N N3     . DG  A 1 11 ? 16.497  7.288   2.700   1.00 0.31 ? 11 DG  A N3     1 
ATOM   338 C C4     . DG  A 1 11 ? 17.035  6.255   3.386   1.00 0.29 ? 11 DG  A C4     1 
ATOM   339 H "H5'"  . DG  A 1 11 ? 18.811  1.821   0.099   1.00 0.61 ? 11 DG  A "H5'"  1 
ATOM   340 H "H5''" . DG  A 1 11 ? 20.520  2.052   -0.324  1.00 0.68 ? 11 DG  A "H5''" 1 
ATOM   341 H "H4'"  . DG  A 1 11 ? 19.259  4.008   -1.019  1.00 0.67 ? 11 DG  A "H4'"  1 
ATOM   342 H "H3'"  . DG  A 1 11 ? 21.494  4.084   0.672   1.00 0.63 ? 11 DG  A "H3'"  1 
ATOM   343 H "HO3'" . DG  A 1 11 ? 20.185  6.245   -0.661  1.00 1.30 ? 11 DG  A "HO3'" 1 
ATOM   344 H "H2'"  . DG  A 1 11 ? 20.466  4.804   2.594   1.00 0.48 ? 11 DG  A "H2'"  1 
ATOM   345 H "H2''" . DG  A 1 11 ? 20.602  6.403   1.799   1.00 0.53 ? 11 DG  A "H2''" 1 
ATOM   346 H "H1'"  . DG  A 1 11 ? 18.394  6.388   1.099   1.00 0.49 ? 11 DG  A "H1'"  1 
ATOM   347 H H8     . DG  A 1 11 ? 18.956  3.755   3.900   1.00 0.42 ? 11 DG  A H8     1 
ATOM   348 H H1     . DG  A 1 11 ? 14.471  8.104   5.154   1.00 0.33 ? 11 DG  A H1     1 
ATOM   349 H H21    . DG  A 1 11 ? 14.219  9.460   3.407   1.00 0.40 ? 11 DG  A H21    1 
ATOM   350 H H22    . DG  A 1 11 ? 15.154  9.282   1.940   1.00 0.40 ? 11 DG  A H22    1 
ATOM   351 O "O5'"  . DC  B 2 1  ? 9.948   15.884  8.083   1.00 0.74 ? 12 DC  B "O5'"  1 
ATOM   352 C "C5'"  . DC  B 2 1  ? 10.938  14.854  8.032   1.00 0.66 ? 12 DC  B "C5'"  1 
ATOM   353 C "C4'"  . DC  B 2 1  ? 11.198  14.401  6.598   1.00 0.60 ? 12 DC  B "C4'"  1 
ATOM   354 O "O4'"  . DC  B 2 1  ? 12.206  13.356  6.558   1.00 0.55 ? 12 DC  B "O4'"  1 
ATOM   355 C "C3'"  . DC  B 2 1  ? 9.930   13.841  5.962   1.00 0.64 ? 12 DC  B "C3'"  1 
ATOM   356 O "O3'"  . DC  B 2 1  ? 9.722   14.401  4.659   1.00 0.65 ? 12 DC  B "O3'"  1 
ATOM   357 C "C2'"  . DC  B 2 1  ? 10.171  12.359  5.900   1.00 0.60 ? 12 DC  B "C2'"  1 
ATOM   358 C "C1'"  . DC  B 2 1  ? 11.676  12.208  5.862   1.00 0.54 ? 12 DC  B "C1'"  1 
ATOM   359 N N1     . DC  B 2 1  ? 12.097  10.946  6.507   1.00 0.51 ? 12 DC  B N1     1 
ATOM   360 C C2     . DC  B 2 1  ? 12.977  10.126  5.815   1.00 0.43 ? 12 DC  B C2     1 
ATOM   361 O O2     . DC  B 2 1  ? 13.383  10.449  4.700   1.00 0.40 ? 12 DC  B O2     1 
ATOM   362 N N3     . DC  B 2 1  ? 13.368  8.962   6.400   1.00 0.41 ? 12 DC  B N3     1 
ATOM   363 C C4     . DC  B 2 1  ? 12.919  8.614   7.612   1.00 0.46 ? 12 DC  B C4     1 
ATOM   364 N N4     . DC  B 2 1  ? 13.325  7.467   8.155   1.00 0.46 ? 12 DC  B N4     1 
ATOM   365 C C5     . DC  B 2 1  ? 12.012  9.456   8.329   1.00 0.55 ? 12 DC  B C5     1 
ATOM   366 C C6     . DC  B 2 1  ? 11.630  10.606  7.742   1.00 0.57 ? 12 DC  B C6     1 
ATOM   367 H "H5'"  . DC  B 2 1  ? 10.597  14.003  8.619   1.00 0.69 ? 12 DC  B "H5'"  1 
ATOM   368 H "H5''" . DC  B 2 1  ? 11.867  15.233  8.459   1.00 0.66 ? 12 DC  B "H5''" 1 
ATOM   369 H "H4'"  . DC  B 2 1  ? 11.546  15.248  6.010   1.00 0.60 ? 12 DC  B "H4'"  1 
ATOM   370 H "H3'"  . DC  B 2 1  ? 9.072   14.049  6.606   1.00 0.69 ? 12 DC  B "H3'"  1 
ATOM   371 H "H2'"  . DC  B 2 1  ? 9.765   11.882  6.792   1.00 0.63 ? 12 DC  B "H2'"  1 
ATOM   372 H "H2''" . DC  B 2 1  ? 9.725   11.928  5.011   1.00 0.61 ? 12 DC  B "H2''" 1 
ATOM   373 H "H1'"  . DC  B 2 1  ? 12.019  12.224  4.827   1.00 0.51 ? 12 DC  B "H1'"  1 
ATOM   374 H H41    . DC  B 2 1  ? 13.966  6.870   7.652   1.00 0.41 ? 12 DC  B H41    1 
ATOM   375 H H42    . DC  B 2 1  ? 12.993  7.194   9.070   1.00 0.51 ? 12 DC  B H42    1 
ATOM   376 H H5     . DC  B 2 1  ? 11.642  9.177   9.316   1.00 0.61 ? 12 DC  B H5     1 
ATOM   377 H H6     . DC  B 2 1  ? 10.936  11.271  8.253   1.00 0.64 ? 12 DC  B H6     1 
ATOM   378 H "HO5'" . DC  B 2 1  ? 9.390   15.779  7.309   1.00 1.23 ? 12 DC  B "HO5'" 1 
ATOM   379 P P      . DT  B 2 2  ? 8.551   13.859  3.692   1.00 0.68 ? 13 DT  B P      1 
ATOM   380 O OP1    . DT  B 2 2  ? 8.045   14.998  2.891   1.00 0.72 ? 13 DT  B OP1    1 
ATOM   381 O OP2    . DT  B 2 2  ? 7.610   13.051  4.501   1.00 0.72 ? 13 DT  B OP2    1 
ATOM   382 O "O5'"  . DT  B 2 2  ? 9.351   12.866  2.710   1.00 0.66 ? 13 DT  B "O5'"  1 
ATOM   383 C "C5'"  . DT  B 2 2  ? 10.335  13.382  1.809   1.00 0.65 ? 13 DT  B "C5'"  1 
ATOM   384 C "C4'"  . DT  B 2 2  ? 10.914  12.289  0.914   1.00 0.60 ? 13 DT  B "C4'"  1 
ATOM   385 O "O4'"  . DT  B 2 2  ? 11.612  11.287  1.697   1.00 0.56 ? 13 DT  B "O4'"  1 
ATOM   386 C "C3'"  . DT  B 2 2  ? 9.813   11.580  0.137   1.00 0.60 ? 13 DT  B "C3'"  1 
ATOM   387 O "O3'"  . DT  B 2 2  ? 10.155  11.466  -1.251  1.00 0.60 ? 13 DT  B "O3'"  1 
ATOM   388 C "C2'"  . DT  B 2 2  ? 9.704   10.231  0.793   1.00 0.56 ? 13 DT  B "C2'"  1 
ATOM   389 C "C1'"  . DT  B 2 2  ? 11.067  9.985   1.393   1.00 0.53 ? 13 DT  B "C1'"  1 
ATOM   390 N N1     . DT  B 2 2  ? 10.982  9.141   2.604   1.00 0.51 ? 13 DT  B N1     1 
ATOM   391 C C2     . DT  B 2 2  ? 11.762  7.999   2.644   1.00 0.46 ? 13 DT  B C2     1 
ATOM   392 O O2     . DT  B 2 2  ? 12.499  7.671   1.714   1.00 0.45 ? 13 DT  B O2     1 
ATOM   393 N N3     . DT  B 2 2  ? 11.658  7.235   3.788   1.00 0.45 ? 13 DT  B N3     1 
ATOM   394 C C4     . DT  B 2 2  ? 10.855  7.506   4.880   1.00 0.48 ? 13 DT  B C4     1 
ATOM   395 O O4     . DT  B 2 2  ? 10.856  6.759   5.855   1.00 0.48 ? 13 DT  B O4     1 
ATOM   396 C C5     . DT  B 2 2  ? 10.072  8.715   4.748   1.00 0.53 ? 13 DT  B C5     1 
ATOM   397 C C7     . DT  B 2 2  ? 9.154   9.145   5.890   1.00 0.59 ? 13 DT  B C7     1 
ATOM   398 C C6     . DT  B 2 2  ? 10.160  9.481   3.641   1.00 0.55 ? 13 DT  B C6     1 
ATOM   399 H "H5'"  . DT  B 2 2  ? 11.142  13.834  2.384   1.00 0.67 ? 13 DT  B "H5'"  1 
ATOM   400 H "H5''" . DT  B 2 2  ? 9.874   14.146  1.181   1.00 0.68 ? 13 DT  B "H5''" 1 
ATOM   401 H "H4'"  . DT  B 2 2  ? 11.610  12.738  0.211   1.00 0.61 ? 13 DT  B "H4'"  1 
ATOM   402 H "H3'"  . DT  B 2 2  ? 8.874   12.124  0.252   1.00 0.62 ? 13 DT  B "H3'"  1 
ATOM   403 H "H2'"  . DT  B 2 2  ? 8.948   10.256  1.575   1.00 0.57 ? 13 DT  B "H2'"  1 
ATOM   404 H "H2''" . DT  B 2 2  ? 9.467   9.462   0.057   1.00 0.55 ? 13 DT  B "H2''" 1 
ATOM   405 H "H1'"  . DT  B 2 2  ? 11.693  9.496   0.657   1.00 0.52 ? 13 DT  B "H1'"  1 
ATOM   406 H H3     . DT  B 2 2  ? 12.222  6.398   3.831   1.00 0.43 ? 13 DT  B H3     1 
ATOM   407 H H71    . DT  B 2 2  ? 9.576   9.628   6.375   1.00 0.64 ? 13 DT  B H71    1 
ATOM   408 H H72    . DT  B 2 2  ? 8.916   8.375   6.568   1.00 0.59 ? 13 DT  B H72    1 
ATOM   409 H H73    . DT  B 2 2  ? 8.401   9.816   5.611   1.00 0.63 ? 13 DT  B H73    1 
ATOM   410 H H6     . DT  B 2 2  ? 9.571   10.395  3.572   1.00 0.59 ? 13 DT  B H6     1 
ATOM   411 P P      . DT  B 2 3  ? 9.234   10.621  -2.270  1.00 0.60 ? 14 DT  B P      1 
ATOM   412 O OP1    . DT  B 2 3  ? 9.410   11.182  -3.629  1.00 0.67 ? 14 DT  B OP1    1 
ATOM   413 O OP2    . DT  B 2 3  ? 7.876   10.508  -1.690  1.00 0.65 ? 14 DT  B OP2    1 
ATOM   414 O "O5'"  . DT  B 2 3  ? 9.920   9.164   -2.232  1.00 0.55 ? 14 DT  B "O5'"  1 
ATOM   415 C "C5'"  . DT  B 2 3  ? 11.179  8.939   -2.874  1.00 0.55 ? 14 DT  B "C5'"  1 
ATOM   416 C "C4'"  . DT  B 2 3  ? 11.501  7.452   -2.990  1.00 0.48 ? 14 DT  B "C4'"  1 
ATOM   417 O "O4'"  . DT  B 2 3  ? 11.670  6.847   -1.681  1.00 0.44 ? 14 DT  B "O4'"  1 
ATOM   418 C "C3'"  . DT  B 2 3  ? 10.378  6.703   -3.699  1.00 0.44 ? 14 DT  B "C3'"  1 
ATOM   419 O "O3'"  . DT  B 2 3  ? 10.902  5.850   -4.726  1.00 0.46 ? 14 DT  B "O3'"  1 
ATOM   420 C "C2'"  . DT  B 2 3  ? 9.708   5.912   -2.608  1.00 0.39 ? 14 DT  B "C2'"  1 
ATOM   421 C "C1'"  . DT  B 2 3  ? 10.785  5.713   -1.561  1.00 0.39 ? 14 DT  B "C1'"  1 
ATOM   422 N N1     . DT  B 2 3  ? 10.223  5.616   -0.192  1.00 0.38 ? 14 DT  B N1     1 
ATOM   423 C C2     . DT  B 2 3  ? 10.595  4.521   0.572   1.00 0.36 ? 14 DT  B C2     1 
ATOM   424 O O2     . DT  B 2 3  ? 11.348  3.649   0.146   1.00 0.36 ? 14 DT  B O2     1 
ATOM   425 N N3     . DT  B 2 3  ? 10.062  4.460   1.844   1.00 0.37 ? 14 DT  B N3     1 
ATOM   426 C C4     . DT  B 2 3  ? 9.201   5.377   2.414   1.00 0.41 ? 14 DT  B C4     1 
ATOM   427 O O4     . DT  B 2 3  ? 8.800   5.223   3.565   1.00 0.44 ? 14 DT  B O4     1 
ATOM   428 C C5     . DT  B 2 3  ? 8.861   6.483   1.547   1.00 0.42 ? 14 DT  B C5     1 
ATOM   429 C C7     . DT  B 2 3  ? 7.934   7.581   2.058   1.00 0.47 ? 14 DT  B C7     1 
ATOM   430 C C6     . DT  B 2 3  ? 9.372   6.573   0.303   1.00 0.41 ? 14 DT  B C6     1 
ATOM   431 H "H5'"  . DT  B 2 3  ? 11.965  9.428   -2.297  1.00 0.59 ? 14 DT  B "H5'"  1 
ATOM   432 H "H5''" . DT  B 2 3  ? 11.150  9.374   -3.873  1.00 0.61 ? 14 DT  B "H5''" 1 
ATOM   433 H "H4'"  . DT  B 2 3  ? 12.424  7.329   -3.557  1.00 0.52 ? 14 DT  B "H4'"  1 
ATOM   434 H "H3'"  . DT  B 2 3  ? 9.670   7.417   -4.125  1.00 0.47 ? 14 DT  B "H3'"  1 
ATOM   435 H "H2'"  . DT  B 2 3  ? 8.877   6.481   -2.198  1.00 0.42 ? 14 DT  B "H2'"  1 
ATOM   436 H "H2''" . DT  B 2 3  ? 9.361   4.950   -2.982  1.00 0.37 ? 14 DT  B "H2''" 1 
ATOM   437 H "H1'"  . DT  B 2 3  ? 11.337  4.799   -1.791  1.00 0.38 ? 14 DT  B "H1'"  1 
ATOM   438 H H3     . DT  B 2 3  ? 10.325  3.667   2.412   1.00 0.39 ? 14 DT  B H3     1 
ATOM   439 H H71    . DT  B 2 3  ? 7.483   8.152   1.307   1.00 0.48 ? 14 DT  B H71    1 
ATOM   440 H H72    . DT  B 2 3  ? 8.391   8.154   2.390   1.00 0.52 ? 14 DT  B H72    1 
ATOM   441 H H73    . DT  B 2 3  ? 7.357   7.308   2.896   1.00 0.49 ? 14 DT  B H73    1 
ATOM   442 H H6     . DT  B 2 3  ? 9.114   7.432   -0.315  1.00 0.44 ? 14 DT  B H6     1 
ATOM   443 P P      . DC  B 2 4  ? 9.958   4.793   -5.492  1.00 0.46 ? 15 DC  B P      1 
ATOM   444 O OP1    . DC  B 2 4  ? 10.632  4.392   -6.748  1.00 0.54 ? 15 DC  B OP1    1 
ATOM   445 O OP2    . DC  B 2 4  ? 8.582   5.341   -5.536  1.00 0.46 ? 15 DC  B OP2    1 
ATOM   446 O "O5'"  . DC  B 2 4  ? 9.966   3.534   -4.489  1.00 0.41 ? 15 DC  B "O5'"  1 
ATOM   447 C "C5'"  . DC  B 2 4  ? 11.108  2.674   -4.412  1.00 0.36 ? 15 DC  B "C5'"  1 
ATOM   448 C "C4'"  . DC  B 2 4  ? 10.768  1.340   -3.757  1.00 0.30 ? 15 DC  B "C4'"  1 
ATOM   449 O "O4'"  . DC  B 2 4  ? 10.473  1.502   -2.348  1.00 0.28 ? 15 DC  B "O4'"  1 
ATOM   450 C "C3'"  . DC  B 2 4  ? 9.550   0.708   -4.413  1.00 0.31 ? 15 DC  B "C3'"  1 
ATOM   451 O "O3'"  . DC  B 2 4  ? 9.804   -0.671  -4.707  1.00 0.33 ? 15 DC  B "O3'"  1 
ATOM   452 C "C2'"  . DC  B 2 4  ? 8.450   0.862   -3.386  1.00 0.28 ? 15 DC  B "C2'"  1 
ATOM   453 C "C1'"  . DC  B 2 4  ? 9.181   0.929   -2.060  1.00 0.25 ? 15 DC  B "C1'"  1 
ATOM   454 N N1     . DC  B 2 4  ? 8.464   1.742   -1.047  1.00 0.25 ? 15 DC  B N1     1 
ATOM   455 C C2     . DC  B 2 4  ? 8.411   1.244   0.250   1.00 0.25 ? 15 DC  B C2     1 
ATOM   456 O O2     . DC  B 2 4  ? 8.935   0.167   0.525   1.00 0.27 ? 15 DC  B O2     1 
ATOM   457 N N3     . DC  B 2 4  ? 7.772   1.978   1.200   1.00 0.27 ? 15 DC  B N3     1 
ATOM   458 C C4     . DC  B 2 4  ? 7.205   3.151   0.898   1.00 0.27 ? 15 DC  B C4     1 
ATOM   459 N N4     . DC  B 2 4  ? 6.583   3.840   1.856   1.00 0.31 ? 15 DC  B N4     1 
ATOM   460 C C5     . DC  B 2 4  ? 7.255   3.673   -0.432  1.00 0.28 ? 15 DC  B C5     1 
ATOM   461 C C6     . DC  B 2 4  ? 7.892   2.941   -1.370  1.00 0.27 ? 15 DC  B C6     1 
ATOM   462 H "H5'"  . DC  B 2 4  ? 11.888  3.168   -3.831  1.00 0.40 ? 15 DC  B "H5'"  1 
ATOM   463 H "H5''" . DC  B 2 4  ? 11.480  2.489   -5.420  1.00 0.39 ? 15 DC  B "H5''" 1 
ATOM   464 H "H4'"  . DC  B 2 4  ? 11.611  0.664   -3.862  1.00 0.31 ? 15 DC  B "H4'"  1 
ATOM   465 H "H3'"  . DC  B 2 4  ? 9.301   1.252   -5.327  1.00 0.35 ? 15 DC  B "H3'"  1 
ATOM   466 H "H2'"  . DC  B 2 4  ? 7.890   1.782   -3.559  1.00 0.29 ? 15 DC  B "H2'"  1 
ATOM   467 H "H2''" . DC  B 2 4  ? 7.782   0.002   -3.409  1.00 0.28 ? 15 DC  B "H2''" 1 
ATOM   468 H "H1'"  . DC  B 2 4  ? 9.315   -0.084  -1.684  1.00 0.25 ? 15 DC  B "H1'"  1 
ATOM   469 H H41    . DC  B 2 4  ? 6.546   3.473   2.797   1.00 0.33 ? 15 DC  B H41    1 
ATOM   470 H H42    . DC  B 2 4  ? 6.150   4.726   1.642   1.00 0.34 ? 15 DC  B H42    1 
ATOM   471 H H5     . DC  B 2 4  ? 6.794   4.629   -0.679  1.00 0.31 ? 15 DC  B H5     1 
ATOM   472 H H6     . DC  B 2 4  ? 7.951   3.309   -2.392  1.00 0.29 ? 15 DC  B H6     1 
ATOM   473 P P      . DT  B 2 5  ? 8.866   -1.501  -5.720  1.00 0.34 ? 16 DT  B P      1 
ATOM   474 O OP1    . DT  B 2 5  ? 9.544   -1.567  -7.034  1.00 0.38 ? 16 DT  B OP1    1 
ATOM   475 O OP2    . DT  B 2 5  ? 7.487   -0.972  -5.624  1.00 0.42 ? 16 DT  B OP2    1 
ATOM   476 O "O5'"  . DT  B 2 5  ? 8.890   -2.970  -5.063  1.00 0.33 ? 16 DT  B "O5'"  1 
ATOM   477 C "C5'"  . DT  B 2 5  ? 8.683   -3.121  -3.657  1.00 0.32 ? 16 DT  B "C5'"  1 
ATOM   478 C "C4'"  . DT  B 2 5  ? 7.736   -4.271  -3.337  1.00 0.28 ? 16 DT  B "C4'"  1 
ATOM   479 O "O4'"  . DT  B 2 5  ? 7.308   -4.179  -1.968  1.00 0.26 ? 16 DT  B "O4'"  1 
ATOM   480 C "C3'"  . DT  B 2 5  ? 6.506   -4.228  -4.232  1.00 0.25 ? 16 DT  B "C3'"  1 
ATOM   481 O "O3'"  . DT  B 2 5  ? 6.284   -5.506  -4.838  1.00 0.24 ? 16 DT  B "O3'"  1 
ATOM   482 C "C2'"  . DT  B 2 5  ? 5.357   -3.848  -3.322  1.00 0.24 ? 16 DT  B "C2'"  1 
ATOM   483 C "C1'"  . DT  B 2 5  ? 5.915   -3.826  -1.897  1.00 0.24 ? 16 DT  B "C1'"  1 
ATOM   484 N N1     . DT  B 2 5  ? 5.749   -2.511  -1.196  1.00 0.23 ? 16 DT  B N1     1 
ATOM   485 C C2     . DT  B 2 5  ? 5.843   -2.535  0.191   1.00 0.23 ? 16 DT  B C2     1 
ATOM   486 O O2     . DT  B 2 5  ? 6.056   -3.571  0.817   1.00 0.25 ? 16 DT  B O2     1 
ATOM   487 N N3     . DT  B 2 5  ? 5.692   -1.320  0.835   1.00 0.24 ? 16 DT  B N3     1 
ATOM   488 C C4     . DT  B 2 5  ? 5.468   -0.098  0.228   1.00 0.25 ? 16 DT  B C4     1 
ATOM   489 O O4     . DT  B 2 5  ? 5.343   0.922   0.895   1.00 0.26 ? 16 DT  B O4     1 
ATOM   490 C C5     . DT  B 2 5  ? 5.392   -0.162  -1.209  1.00 0.24 ? 16 DT  B C5     1 
ATOM   491 C C7     . DT  B 2 5  ? 5.119   1.106   -2.007  1.00 0.26 ? 16 DT  B C7     1 
ATOM   492 C C6     . DT  B 2 5  ? 5.525   -1.324  -1.865  1.00 0.24 ? 16 DT  B C6     1 
ATOM   493 H "H5'"  . DT  B 2 5  ? 8.259   -2.198  -3.261  1.00 0.34 ? 16 DT  B "H5'"  1 
ATOM   494 H "H5''" . DT  B 2 5  ? 9.642   -3.306  -3.173  1.00 0.39 ? 16 DT  B "H5''" 1 
ATOM   495 H "H4'"  . DT  B 2 5  ? 8.251   -5.217  -3.483  1.00 0.33 ? 16 DT  B "H4'"  1 
ATOM   496 H "H3'"  . DT  B 2 5  ? 6.643   -3.472  -5.010  1.00 0.27 ? 16 DT  B "H3'"  1 
ATOM   497 H "H2'"  . DT  B 2 5  ? 4.960   -2.877  -3.600  1.00 0.25 ? 16 DT  B "H2'"  1 
ATOM   498 H "H2''" . DT  B 2 5  ? 4.570   -4.599  -3.395  1.00 0.26 ? 16 DT  B "H2''" 1 
ATOM   499 H "H1'"  . DT  B 2 5  ? 5.404   -4.594  -1.321  1.00 0.27 ? 16 DT  B "H1'"  1 
ATOM   500 H H3     . DT  B 2 5  ? 5.757   -1.325  1.843   1.00 0.26 ? 16 DT  B H3     1 
ATOM   501 H H71    . DT  B 2 5  ? 4.323   1.166   -2.102  1.00 0.28 ? 16 DT  B H71    1 
ATOM   502 H H72    . DT  B 2 5  ? 5.395   1.050   -3.015  1.00 0.27 ? 16 DT  B H72    1 
ATOM   503 H H73    . DT  B 2 5  ? 5.308   2.000   -1.483  1.00 0.28 ? 16 DT  B H73    1 
ATOM   504 H H6     . DT  B 2 5  ? 5.441   -1.308  -2.941  1.00 0.25 ? 16 DT  B H6     1 
ATOM   505 P P      . DT  B 2 6  ? 5.405   -5.638  -6.185  1.00 0.24 ? 17 DT  B P      1 
ATOM   506 O OP1    . DT  B 2 6  ? 6.187   -6.416  -7.171  1.00 0.27 ? 17 DT  B OP1    1 
ATOM   507 O OP2    . DT  B 2 6  ? 4.894   -4.296  -6.544  1.00 0.31 ? 17 DT  B OP2    1 
ATOM   508 O "O5'"  . DT  B 2 6  ? 4.159   -6.537  -5.710  1.00 0.25 ? 17 DT  B "O5'"  1 
ATOM   509 C "C5'"  . DT  B 2 6  ? 4.368   -7.836  -5.149  1.00 0.26 ? 17 DT  B "C5'"  1 
ATOM   510 C "C4'"  . DT  B 2 6  ? 3.064   -8.427  -4.625  1.00 0.26 ? 17 DT  B "C4'"  1 
ATOM   511 O "O4'"  . DT  B 2 6  ? 2.426   -7.503  -3.703  1.00 0.27 ? 17 DT  B "O4'"  1 
ATOM   512 C "C3'"  . DT  B 2 6  ? 2.085   -8.686  -5.767  1.00 0.27 ? 17 DT  B "C3'"  1 
ATOM   513 O "O3'"  . DT  B 2 6  ? 1.492   -9.992  -5.633  1.00 0.29 ? 17 DT  B "O3'"  1 
ATOM   514 C "C2'"  . DT  B 2 6  ? 1.075   -7.578  -5.641  1.00 0.29 ? 17 DT  B "C2'"  1 
ATOM   515 C "C1'"  . DT  B 2 6  ? 1.096   -7.196  -4.174  1.00 0.29 ? 17 DT  B "C1'"  1 
ATOM   516 N N1     . DT  B 2 6  ? 0.776   -5.760  -3.973  1.00 0.29 ? 17 DT  B N1     1 
ATOM   517 C C2     . DT  B 2 6  ? -0.069  -5.433  -2.925  1.00 0.30 ? 17 DT  B C2     1 
ATOM   518 O O2     . DT  B 2 6  ? -0.539  -6.282  -2.171  1.00 0.31 ? 17 DT  B O2     1 
ATOM   519 N N3     . DT  B 2 6  ? -0.345  -4.088  -2.763  1.00 0.31 ? 17 DT  B N3     1 
ATOM   520 C C4     . DT  B 2 6  ? 0.142   -3.054  -3.543  1.00 0.30 ? 17 DT  B C4     1 
ATOM   521 O O4     . DT  B 2 6  ? -0.183  -1.890  -3.311  1.00 0.33 ? 17 DT  B O4     1 
ATOM   522 C C5     . DT  B 2 6  ? 1.021   -3.485  -4.608  1.00 0.28 ? 17 DT  B C5     1 
ATOM   523 C C7     . DT  B 2 6  ? 1.618   -2.451  -5.562  1.00 0.29 ? 17 DT  B C7     1 
ATOM   524 C C6     . DT  B 2 6  ? 1.302   -4.792  -4.791  1.00 0.28 ? 17 DT  B C6     1 
ATOM   525 H "H5'"  . DT  B 2 6  ? 5.078   -7.756  -4.325  1.00 0.28 ? 17 DT  B "H5'"  1 
ATOM   526 H "H5''" . DT  B 2 6  ? 4.779   -8.495  -5.913  1.00 0.30 ? 17 DT  B "H5''" 1 
ATOM   527 H "H4'"  . DT  B 2 6  ? 3.273   -9.363  -4.110  1.00 0.28 ? 17 DT  B "H4'"  1 
ATOM   528 H "H3'"  . DT  B 2 6  ? 2.606   -8.604  -6.724  1.00 0.27 ? 17 DT  B "H3'"  1 
ATOM   529 H "H2'"  . DT  B 2 6  ? 1.374   -6.735  -6.259  1.00 0.30 ? 17 DT  B "H2'"  1 
ATOM   530 H "H2''" . DT  B 2 6  ? 0.089   -7.923  -5.932  1.00 0.33 ? 17 DT  B "H2''" 1 
ATOM   531 H "H1'"  . DT  B 2 6  ? 0.373   -7.807  -3.633  1.00 0.31 ? 17 DT  B "H1'"  1 
ATOM   532 H H3     . DT  B 2 6  ? -0.956  -3.835  -2.000  1.00 0.33 ? 17 DT  B H3     1 
ATOM   533 H H71    . DT  B 2 6  ? 1.600   -1.462  -5.197  1.00 0.32 ? 17 DT  B H71    1 
ATOM   534 H H72    . DT  B 2 6  ? 1.117   -2.374  -6.186  1.00 0.32 ? 17 DT  B H72    1 
ATOM   535 H H73    . DT  B 2 6  ? 2.468   -2.777  -6.077  1.00 0.31 ? 17 DT  B H73    1 
ATOM   536 H H6     . DT  B 2 6  ? 1.950   -5.085  -5.613  1.00 0.28 ? 17 DT  B H6     1 
ATOM   537 P P      . DG  B 2 7  ? 0.030   -10.346 -6.223  1.00 0.30 ? 18 DG  B P      1 
ATOM   538 O OP1    . DG  B 2 7  ? -0.019  -11.800 -6.497  1.00 0.37 ? 18 DG  B OP1    1 
ATOM   539 O OP2    . DG  B 2 7  ? -0.292  -9.383  -7.300  1.00 0.35 ? 18 DG  B OP2    1 
ATOM   540 O "O5'"  . DG  B 2 7  ? -0.928  -10.038 -4.964  1.00 0.30 ? 18 DG  B "O5'"  1 
ATOM   541 C "C5'"  . DG  B 2 7  ? -0.643  -10.625 -3.692  1.00 0.30 ? 18 DG  B "C5'"  1 
ATOM   542 C "C4'"  . DG  B 2 7  ? -1.661  -10.229 -2.626  1.00 0.32 ? 18 DG  B "C4'"  1 
ATOM   543 O "O4'"  . DG  B 2 7  ? -1.710  -8.789  -2.446  1.00 0.33 ? 18 DG  B "O4'"  1 
ATOM   544 C "C3'"  . DG  B 2 7  ? -3.068  -10.693 -2.994  1.00 0.33 ? 18 DG  B "C3'"  1 
ATOM   545 O "O3'"  . DG  B 2 7  ? -3.655  -11.428 -1.908  1.00 0.42 ? 18 DG  B "O3'"  1 
ATOM   546 C "C2'"  . DG  B 2 7  ? -3.817  -9.421  -3.286  1.00 0.30 ? 18 DG  B "C2'"  1 
ATOM   547 C "C1'"  . DG  B 2 7  ? -3.085  -8.354  -2.508  1.00 0.32 ? 18 DG  B "C1'"  1 
ATOM   548 N N9     . DG  B 2 7  ? -3.213  -7.029  -3.151  1.00 0.30 ? 18 DG  B N9     1 
ATOM   549 C C8     . DG  B 2 7  ? -3.028  -6.672  -4.445  1.00 0.28 ? 18 DG  B C8     1 
ATOM   550 N N7     . DG  B 2 7  ? -3.206  -5.433  -4.755  1.00 0.29 ? 18 DG  B N7     1 
ATOM   551 C C5     . DG  B 2 7  ? -3.553  -4.877  -3.523  1.00 0.32 ? 18 DG  B C5     1 
ATOM   552 C C6     . DG  B 2 7  ? -3.876  -3.537  -3.189  1.00 0.38 ? 18 DG  B C6     1 
ATOM   553 O O6     . DG  B 2 7  ? -3.921  -2.555  -3.928  1.00 0.42 ? 18 DG  B O6     1 
ATOM   554 N N1     . DG  B 2 7  ? -4.166  -3.404  -1.839  1.00 0.42 ? 18 DG  B N1     1 
ATOM   555 C C2     . DG  B 2 7  ? -4.150  -4.431  -0.915  1.00 0.42 ? 18 DG  B C2     1 
ATOM   556 N N2     . DG  B 2 7  ? -4.459  -4.103  0.339   1.00 0.49 ? 18 DG  B N2     1 
ATOM   557 N N3     . DG  B 2 7  ? -3.848  -5.695  -1.221  1.00 0.38 ? 18 DG  B N3     1 
ATOM   558 C C4     . DG  B 2 7  ? -3.561  -5.849  -2.533  1.00 0.33 ? 18 DG  B C4     1 
ATOM   559 H "H5'"  . DG  B 2 7  ? 0.348   -10.304 -3.369  1.00 0.33 ? 18 DG  B "H5'"  1 
ATOM   560 H "H5''" . DG  B 2 7  ? -0.644  -11.711 -3.796  1.00 0.33 ? 18 DG  B "H5''" 1 
ATOM   561 H "H4'"  . DG  B 2 7  ? -1.376  -10.689 -1.680  1.00 0.38 ? 18 DG  B "H4'"  1 
ATOM   562 H "H3'"  . DG  B 2 7  ? -3.034  -11.308 -3.893  1.00 0.32 ? 18 DG  B "H3'"  1 
ATOM   563 H "H2'"  . DG  B 2 7  ? -3.778  -9.204  -4.352  1.00 0.27 ? 18 DG  B "H2'"  1 
ATOM   564 H "H2''" . DG  B 2 7  ? -4.847  -9.498  -2.953  1.00 0.35 ? 18 DG  B "H2''" 1 
ATOM   565 H "H1'"  . DG  B 2 7  ? -3.487  -8.304  -1.497  1.00 0.38 ? 18 DG  B "H1'"  1 
ATOM   566 H H8     . DG  B 2 7  ? -2.745  -7.404  -5.195  1.00 0.26 ? 18 DG  B H8     1 
ATOM   567 H H1     . DG  B 2 7  ? -4.406  -2.473  -1.531  1.00 0.48 ? 18 DG  B H1     1 
ATOM   568 H H21    . DG  B 2 7  ? -4.687  -3.147  0.568   1.00 0.53 ? 18 DG  B H21    1 
ATOM   569 H H22    . DG  B 2 7  ? -4.463  -4.811  1.059   1.00 0.51 ? 18 DG  B H22    1 
ATOM   570 P P      . DT  B 2 8  ? -5.240  -11.729 -1.841  1.00 0.53 ? 19 DT  B P      1 
ATOM   571 O OP1    . DT  B 2 8  ? -5.438  -13.016 -1.137  1.00 0.69 ? 19 DT  B OP1    1 
ATOM   572 O OP2    . DT  B 2 8  ? -5.815  -11.532 -3.191  1.00 0.53 ? 19 DT  B OP2    1 
ATOM   573 O "O5'"  . DT  B 2 8  ? -5.772  -10.545 -0.888  1.00 0.53 ? 19 DT  B "O5'"  1 
ATOM   574 C "C5'"  . DT  B 2 8  ? -5.250  -10.398 0.437   1.00 0.58 ? 19 DT  B "C5'"  1 
ATOM   575 C "C4'"  . DT  B 2 8  ? -5.925  -9.256  1.192   1.00 0.59 ? 19 DT  B "C4'"  1 
ATOM   576 O "O4'"  . DT  B 2 8  ? -5.709  -7.987  0.520   1.00 0.50 ? 19 DT  B "O4'"  1 
ATOM   577 C "C3'"  . DT  B 2 8  ? -7.428  -9.473  1.286   1.00 0.61 ? 19 DT  B "C3'"  1 
ATOM   578 O "O3'"  . DT  B 2 8  ? -7.890  -9.244  2.625   1.00 0.72 ? 19 DT  B "O3'"  1 
ATOM   579 C "C2'"  . DT  B 2 8  ? -8.011  -8.477  0.320   1.00 0.50 ? 19 DT  B "C2'"  1 
ATOM   580 C "C1'"  . DT  B 2 8  ? -6.985  -7.367  0.247   1.00 0.45 ? 19 DT  B "C1'"  1 
ATOM   581 N N1     . DT  B 2 8  ? -6.987  -6.711  -1.078  1.00 0.34 ? 19 DT  B N1     1 
ATOM   582 C C2     . DT  B 2 8  ? -7.228  -5.349  -1.118  1.00 0.32 ? 19 DT  B C2     1 
ATOM   583 O O2     . DT  B 2 8  ? -7.450  -4.690  -0.104  1.00 0.40 ? 19 DT  B O2     1 
ATOM   584 N N3     . DT  B 2 8  ? -7.216  -4.769  -2.371  1.00 0.27 ? 19 DT  B N3     1 
ATOM   585 C C4     . DT  B 2 8  ? -6.991  -5.419  -3.570  1.00 0.23 ? 19 DT  B C4     1 
ATOM   586 O O4     . DT  B 2 8  ? -6.989  -4.792  -4.627  1.00 0.27 ? 19 DT  B O4     1 
ATOM   587 C C5     . DT  B 2 8  ? -6.754  -6.839  -3.433  1.00 0.23 ? 19 DT  B C5     1 
ATOM   588 C C7     . DT  B 2 8  ? -6.467  -7.676  -4.678  1.00 0.26 ? 19 DT  B C7     1 
ATOM   589 C C6     . DT  B 2 8  ? -6.754  -7.429  -2.220  1.00 0.29 ? 19 DT  B C6     1 
ATOM   590 H "H5'"  . DT  B 2 8  ? -4.180  -10.200 0.377   1.00 0.59 ? 19 DT  B "H5'"  1 
ATOM   591 H "H5''" . DT  B 2 8  ? -5.409  -11.328 0.986   1.00 0.67 ? 19 DT  B "H5''" 1 
ATOM   592 H "H4'"  . DT  B 2 8  ? -5.511  -9.199  2.196   1.00 0.67 ? 19 DT  B "H4'"  1 
ATOM   593 H "H3'"  . DT  B 2 8  ? -7.674  -10.488 0.969   1.00 0.65 ? 19 DT  B "H3'"  1 
ATOM   594 H "H2'"  . DT  B 2 8  ? -8.138  -8.940  -0.661  1.00 0.48 ? 19 DT  B "H2'"  1 
ATOM   595 H "H2''" . DT  B 2 8  ? -8.961  -8.093  0.688   1.00 0.53 ? 19 DT  B "H2''" 1 
ATOM   596 H "H1'"  . DT  B 2 8  ? -7.199  -6.628  1.020   1.00 0.49 ? 19 DT  B "H1'"  1 
ATOM   597 H H3     . DT  B 2 8  ? -7.390  -3.776  -2.416  1.00 0.31 ? 19 DT  B H3     1 
ATOM   598 H H71    . DT  B 2 8  ? -6.625  -8.703  -4.557  1.00 0.36 ? 19 DT  B H71    1 
ATOM   599 H H72    . DT  B 2 8  ? -5.671  -7.685  -4.788  1.00 0.31 ? 19 DT  B H72    1 
ATOM   600 H H73    . DT  B 2 8  ? -6.766  -7.225  -5.583  1.00 0.28 ? 19 DT  B H73    1 
ATOM   601 H H6     . DT  B 2 8  ? -6.557  -8.499  -2.147  1.00 0.35 ? 19 DT  B H6     1 
ATOM   602 P P      . DC  B 2 9  ? -9.454  -9.350  2.998   1.00 0.76 ? 20 DC  B P      1 
ATOM   603 O OP1    . DC  B 2 9  ? -9.566  -9.772  4.412   1.00 0.92 ? 20 DC  B OP1    1 
ATOM   604 O OP2    . DC  B 2 9  ? -10.136 -10.128 1.939   1.00 0.77 ? 20 DC  B OP2    1 
ATOM   605 O "O5'"  . DC  B 2 9  ? -9.940  -7.818  2.887   1.00 0.66 ? 20 DC  B "O5'"  1 
ATOM   606 C "C5'"  . DC  B 2 9  ? -9.631  -6.877  3.921   1.00 0.68 ? 20 DC  B "C5'"  1 
ATOM   607 C "C4'"  . DC  B 2 9  ? -10.452 -5.600  3.775   1.00 0.59 ? 20 DC  B "C4'"  1 
ATOM   608 O "O4'"  . DC  B 2 9  ? -10.130 -4.918  2.533   1.00 0.49 ? 20 DC  B "O4'"  1 
ATOM   609 C "C3'"  . DC  B 2 9  ? -11.943 -5.921  3.746   1.00 0.58 ? 20 DC  B "C3'"  1 
ATOM   610 O "O3'"  . DC  B 2 9  ? -12.681 -5.019  4.584   1.00 0.59 ? 20 DC  B "O3'"  1 
ATOM   611 C "C2'"  . DC  B 2 9  ? -12.322 -5.764  2.302   1.00 0.48 ? 20 DC  B "C2'"  1 
ATOM   612 C "C1'"  . DC  B 2 9  ? -11.333 -4.757  1.754   1.00 0.41 ? 20 DC  B "C1'"  1 
ATOM   613 N N1     . DC  B 2 9  ? -11.077 -4.965  0.311   1.00 0.34 ? 20 DC  B N1     1 
ATOM   614 C C2     . DC  B 2 9  ? -11.132 -3.850  -0.518  1.00 0.29 ? 20 DC  B C2     1 
ATOM   615 O O2     . DC  B 2 9  ? -11.388 -2.741  -0.055  1.00 0.32 ? 20 DC  B O2     1 
ATOM   616 N N3     . DC  B 2 9  ? -10.900 -4.024  -1.847  1.00 0.27 ? 20 DC  B N3     1 
ATOM   617 C C4     . DC  B 2 9  ? -10.624 -5.234  -2.345  1.00 0.29 ? 20 DC  B C4     1 
ATOM   618 N N4     . DC  B 2 9  ? -10.402 -5.368  -3.654  1.00 0.32 ? 20 DC  B N4     1 
ATOM   619 C C5     . DC  B 2 9  ? -10.566 -6.382  -1.495  1.00 0.33 ? 20 DC  B C5     1 
ATOM   620 C C6     . DC  B 2 9  ? -10.796 -6.205  -0.185  1.00 0.36 ? 20 DC  B C6     1 
ATOM   621 H "H5'"  . DC  B 2 9  ? -8.571  -6.626  3.872   1.00 0.70 ? 20 DC  B "H5'"  1 
ATOM   622 H "H5''" . DC  B 2 9  ? -9.845  -7.329  4.890   1.00 0.76 ? 20 DC  B "H5''" 1 
ATOM   623 H "H4'"  . DC  B 2 9  ? -10.241 -4.936  4.613   1.00 0.64 ? 20 DC  B "H4'"  1 
ATOM   624 H "H3'"  . DC  B 2 9  ? -12.106 -6.954  4.064   1.00 0.66 ? 20 DC  B "H3'"  1 
ATOM   625 H "H2'"  . DC  B 2 9  ? -12.213 -6.722  1.792   1.00 0.50 ? 20 DC  B "H2'"  1 
ATOM   626 H "H2''" . DC  B 2 9  ? -13.342 -5.394  2.204   1.00 0.46 ? 20 DC  B "H2''" 1 
ATOM   627 H "H1'"  . DC  B 2 9  ? -11.726 -3.752  1.908   1.00 0.40 ? 20 DC  B "H1'"  1 
ATOM   628 H H41    . DC  B 2 9  ? -10.442 -4.559  -4.258  1.00 0.35 ? 20 DC  B H41    1 
ATOM   629 H H42    . DC  B 2 9  ? -10.194 -6.278  -4.041  1.00 0.36 ? 20 DC  B H42    1 
ATOM   630 H H5     . DC  B 2 9  ? -10.352 -7.367  -1.895  1.00 0.37 ? 20 DC  B H5     1 
ATOM   631 H H6     . DC  B 2 9  ? -10.757 -7.061  0.488   1.00 0.44 ? 20 DC  B H6     1 
ATOM   632 P P      . DC  B 2 10 ? -14.293 -4.992  4.558   1.00 0.57 ? 21 DC  B P      1 
ATOM   633 O OP1    . DC  B 2 10 ? -14.767 -4.376  5.818   1.00 0.63 ? 21 DC  B OP1    1 
ATOM   634 O OP2    . DC  B 2 10 ? -14.776 -6.336  4.167   1.00 0.63 ? 21 DC  B OP2    1 
ATOM   635 O "O5'"  . DC  B 2 10 ? -14.606 -3.973  3.347   1.00 0.46 ? 21 DC  B "O5'"  1 
ATOM   636 C "C5'"  . DC  B 2 10 ? -14.572 -2.559  3.566   1.00 0.42 ? 21 DC  B "C5'"  1 
ATOM   637 C "C4'"  . DC  B 2 10 ? -15.395 -1.799  2.526   1.00 0.33 ? 21 DC  B "C4'"  1 
ATOM   638 O "O4'"  . DC  B 2 10 ? -14.771 -1.844  1.215   1.00 0.27 ? 21 DC  B "O4'"  1 
ATOM   639 C "C3'"  . DC  B 2 10 ? -16.792 -2.392  2.390   1.00 0.35 ? 21 DC  B "C3'"  1 
ATOM   640 O "O3'"  . DC  B 2 10 ? -17.790 -1.363  2.470   1.00 0.34 ? 21 DC  B "O3'"  1 
ATOM   641 C "C2'"  . DC  B 2 10 ? -16.786 -3.058  1.040   1.00 0.33 ? 21 DC  B "C2'"  1 
ATOM   642 C "C1'"  . DC  B 2 10 ? -15.731 -2.317  0.246   1.00 0.25 ? 21 DC  B "C1'"  1 
ATOM   643 N N1     . DC  B 2 10 ? -15.083 -3.188  -0.765  1.00 0.26 ? 21 DC  B N1     1 
ATOM   644 C C2     . DC  B 2 10 ? -15.016 -2.718  -2.070  1.00 0.24 ? 21 DC  B C2     1 
ATOM   645 O O2     . DC  B 2 10 ? -15.485 -1.620  -2.362  1.00 0.24 ? 21 DC  B O2     1 
ATOM   646 N N3     . DC  B 2 10 ? -14.421 -3.503  -3.008  1.00 0.29 ? 21 DC  B N3     1 
ATOM   647 C C4     . DC  B 2 10 ? -13.910 -4.697  -2.684  1.00 0.33 ? 21 DC  B C4     1 
ATOM   648 N N4     . DC  B 2 10 ? -13.334 -5.440  -3.631  1.00 0.38 ? 21 DC  B N4     1 
ATOM   649 C C5     . DC  B 2 10 ? -13.976 -5.185  -1.344  1.00 0.35 ? 21 DC  B C5     1 
ATOM   650 C C6     . DC  B 2 10 ? -14.566 -4.404  -0.423  1.00 0.33 ? 21 DC  B C6     1 
ATOM   651 H "H5'"  . DC  B 2 10 ? -13.539 -2.215  3.521   1.00 0.44 ? 21 DC  B "H5'"  1 
ATOM   652 H "H5''" . DC  B 2 10 ? -14.975 -2.345  4.557   1.00 0.48 ? 21 DC  B "H5''" 1 
ATOM   653 H "H4'"  . DC  B 2 10 ? -15.483 -0.761  2.836   1.00 0.33 ? 21 DC  B "H4'"  1 
ATOM   654 H "H3'"  . DC  B 2 10 ? -16.955 -3.139  3.170   1.00 0.44 ? 21 DC  B "H3'"  1 
ATOM   655 H "H2'"  . DC  B 2 10 ? -16.510 -4.106  1.148   1.00 0.39 ? 21 DC  B "H2'"  1 
ATOM   656 H "H2''" . DC  B 2 10 ? -17.758 -2.969  0.559   1.00 0.34 ? 21 DC  B "H2''" 1 
ATOM   657 H "H1'"  . DC  B 2 10 ? -16.195 -1.462  -0.251  1.00 0.22 ? 21 DC  B "H1'"  1 
ATOM   658 H H41    . DC  B 2 10 ? -13.286 -5.098  -4.580  1.00 0.40 ? 21 DC  B H41    1 
ATOM   659 H H42    . DC  B 2 10 ? -12.946 -6.343  -3.398  1.00 0.42 ? 21 DC  B H42    1 
ATOM   660 H H5     . DC  B 2 10 ? -13.558 -6.155  -1.073  1.00 0.42 ? 21 DC  B H5     1 
ATOM   661 H H6     . DC  B 2 10 ? -14.630 -4.748  0.603   1.00 0.40 ? 21 DC  B H6     1 
ATOM   662 P P      . DG  B 2 11 ? -19.349 -1.688  2.226   1.00 0.36 ? 22 DG  B P      1 
ATOM   663 O OP1    . DG  B 2 11 ? -20.145 -0.877  3.174   1.00 0.44 ? 22 DG  B OP1    1 
ATOM   664 O OP2    . DG  B 2 11 ? -19.524 -3.157  2.187   1.00 0.43 ? 22 DG  B OP2    1 
ATOM   665 O "O5'"  . DG  B 2 11 ? -19.589 -1.112  0.743   1.00 0.31 ? 22 DG  B "O5'"  1 
ATOM   666 C "C5'"  . DG  B 2 11 ? -19.556 0.298   0.500   1.00 0.29 ? 22 DG  B "C5'"  1 
ATOM   667 C "C4'"  . DG  B 2 11 ? -19.902 0.629   -0.948  1.00 0.24 ? 22 DG  B "C4'"  1 
ATOM   668 O "O4'"  . DG  B 2 11 ? -18.906 0.091   -1.856  1.00 0.23 ? 22 DG  B "O4'"  1 
ATOM   669 C "C3'"  . DG  B 2 11 ? -21.246 0.024   -1.334  1.00 0.26 ? 22 DG  B "C3'"  1 
ATOM   670 O "O3'"  . DG  B 2 11 ? -22.053 0.974   -2.038  1.00 0.28 ? 22 DG  B "O3'"  1 
ATOM   671 C "C2'"  . DG  B 2 11 ? -20.891 -1.138  -2.216  1.00 0.28 ? 22 DG  B "C2'"  1 
ATOM   672 C "C1'"  . DG  B 2 11 ? -19.554 -0.766  -2.819  1.00 0.25 ? 22 DG  B "C1'"  1 
ATOM   673 N N9     . DG  B 2 11 ? -18.738 -1.963  -3.099  1.00 0.28 ? 22 DG  B N9     1 
ATOM   674 C C8     . DG  B 2 11 ? -18.425 -3.008  -2.293  1.00 0.33 ? 22 DG  B C8     1 
ATOM   675 N N7     . DG  B 2 11 ? -17.683 -3.942  -2.785  1.00 0.37 ? 22 DG  B N7     1 
ATOM   676 C C5     . DG  B 2 11 ? -17.464 -3.476  -4.084  1.00 0.36 ? 22 DG  B C5     1 
ATOM   677 C C6     . DG  B 2 11 ? -16.716 -4.055  -5.143  1.00 0.44 ? 22 DG  B C6     1 
ATOM   678 O O6     . DG  B 2 11 ? -16.085 -5.109  -5.146  1.00 0.49 ? 22 DG  B O6     1 
ATOM   679 N N1     . DG  B 2 11 ? -16.752 -3.263  -6.283  1.00 0.48 ? 22 DG  B N1     1 
ATOM   680 C C2     . DG  B 2 11 ? -17.422 -2.061  -6.398  1.00 0.46 ? 22 DG  B C2     1 
ATOM   681 N N2     . DG  B 2 11 ? -17.337 -1.446  -7.578  1.00 0.57 ? 22 DG  B N2     1 
ATOM   682 N N3     . DG  B 2 11 ? -18.127 -1.510  -5.406  1.00 0.38 ? 22 DG  B N3     1 
ATOM   683 C C4     . DG  B 2 11 ? -18.108 -2.264  -4.284  1.00 0.32 ? 22 DG  B C4     1 
ATOM   684 H "H5'"  . DG  B 2 11 ? -18.557 0.675   0.723   1.00 0.34 ? 22 DG  B "H5'"  1 
ATOM   685 H "H5''" . DG  B 2 11 ? -20.275 0.788   1.158   1.00 0.34 ? 22 DG  B "H5''" 1 
ATOM   686 H "H4'"  . DG  B 2 11 ? -19.947 1.711   -1.069  1.00 0.26 ? 22 DG  B "H4'"  1 
ATOM   687 H "H3'"  . DG  B 2 11 ? -21.763 -0.331  -0.441  1.00 0.30 ? 22 DG  B "H3'"  1 
ATOM   688 H "HO3'" . DG  B 2 11 ? -21.569 1.230   -2.827  1.00 0.37 ? 22 DG  B "HO3'" 1 
ATOM   689 H "H2'"  . DG  B 2 11 ? -20.797 -2.046  -1.620  1.00 0.33 ? 22 DG  B "H2'"  1 
ATOM   690 H "H2''" . DG  B 2 11 ? -21.638 -1.271  -2.998  1.00 0.34 ? 22 DG  B "H2''" 1 
ATOM   691 H "H1'"  . DG  B 2 11 ? -19.717 -0.213  -3.745  1.00 0.29 ? 22 DG  B "H1'"  1 
ATOM   692 H H8     . DG  B 2 11 ? -18.788 -3.057  -1.267  1.00 0.37 ? 22 DG  B H8     1 
ATOM   693 H H1     . DG  B 2 11 ? -16.239 -3.615  -7.079  1.00 0.55 ? 22 DG  B H1     1 
ATOM   694 H H21    . DG  B 2 11 ? -16.804 -1.862  -8.327  1.00 0.65 ? 22 DG  B H21    1 
ATOM   695 H H22    . DG  B 2 11 ? -17.807 -0.563  -7.722  1.00 0.58 ? 22 DG  B H22    1 
HETATM 696 C C4C    . BZA C 3 .  ? 3.329   1.433   3.428   1.00 0.23 ? 12 BZA A C4C    1 
HETATM 697 C C9C    . BZA C 3 .  ? 3.789   2.791   3.947   1.00 0.23 ? 12 BZA A C9C    1 
HETATM 698 O O3     . BZA C 3 .  ? 4.026   2.730   5.355   1.00 0.23 ? 12 BZA A O3     1 
HETATM 699 C C8B    . BZA C 3 .  ? 2.747   3.845   3.638   1.00 0.27 ? 12 BZA A C8B    1 
HETATM 700 O O2     . BZA C 3 .  ? 1.462   3.425   4.106   1.00 0.30 ? 12 BZA A O2     1 
HETATM 701 C C3B    . BZA C 3 .  ? 2.711   4.109   2.141   1.00 0.30 ? 12 BZA A C3B    1 
HETATM 702 O O1     . BZA C 3 .  ? 3.917   4.746   1.712   1.00 0.32 ? 12 BZA A O1     1 
HETATM 703 C C3A    . BZA C 3 .  ? 2.540   2.798   1.372   1.00 0.28 ? 12 BZA A C3A    1 
HETATM 704 C C2A    . BZA C 3 .  ? 2.093   2.835   0.019   1.00 0.31 ? 12 BZA A C2A    1 
HETATM 705 C C4A    . BZA C 3 .  ? 2.825   1.530   1.987   1.00 0.25 ? 12 BZA A C4A    1 
HETATM 706 C C1A    . BZA C 3 .  ? 1.931   1.640   -0.715  1.00 0.30 ? 12 BZA A C1A    1 
HETATM 707 C C5A    . BZA C 3 .  ? 2.915   -0.937  1.819   1.00 0.23 ? 12 BZA A C5A    1 
HETATM 708 C C4B    . BZA C 3 .  ? 2.646   0.329   1.231   1.00 0.24 ? 12 BZA A C4B    1 
HETATM 709 C C6A    . BZA C 3 .  ? 3.015   -3.379  1.663   1.00 0.25 ? 12 BZA A C6A    1 
HETATM 710 C C7A    . BZA C 3 .  ? 2.852   -4.567  0.913   1.00 0.28 ? 12 BZA A C7A    1 
HETATM 711 C C8A    . BZA C 3 .  ? 2.423   -4.499  -0.433  1.00 0.29 ? 12 BZA A C8A    1 
HETATM 712 C C5B    . BZA C 3 .  ? 2.748   -2.123  1.068   1.00 0.25 ? 12 BZA A C5B    1 
HETATM 713 C C9B    . BZA C 3 .  ? 2.316   -2.054  -0.278  1.00 0.26 ? 12 BZA A C9B    1 
HETATM 714 C C11    . BZA C 3 .  ? 2.205   0.392   -0.117  1.00 0.26 ? 12 BZA A C11    1 
HETATM 715 C C9A    . BZA C 3 .  ? 2.155   -3.244  -1.028  1.00 0.28 ? 12 BZA A C9A    1 
HETATM 716 C C10    . BZA C 3 .  ? 2.043   -0.797  -0.870  1.00 0.27 ? 12 BZA A C10    1 
HETATM 717 H H4C2   . BZA C 3 .  ? 2.526   1.051   4.060   1.00 0.23 ? 12 BZA A H4C2   1 
HETATM 718 H H9C    . BZA C 3 .  ? 4.719   3.061   3.448   1.00 0.25 ? 12 BZA A H9C    1 
HETATM 719 H H3     . BZA C 3 .  ? 3.668   1.896   5.667   1.00 0.26 ? 12 BZA A H3     1 
HETATM 720 H H8B    . BZA C 3 .  ? 3.021   4.767   4.150   1.00 0.28 ? 12 BZA A H8B    1 
HETATM 721 H HO2    . BZA C 3 .  ? 1.603   2.678   4.691   1.00 0.32 ? 12 BZA A HO2    1 
HETATM 722 H H3B    . BZA C 3 .  ? 1.867   4.768   1.933   1.00 0.35 ? 12 BZA A H3B    1 
HETATM 723 H H1     . BZA C 3 .  ? 3.828   5.683   1.906   1.00 0.42 ? 12 BZA A H1     1 
HETATM 724 H H2A    . BZA C 3 .  ? 1.879   3.781   -0.460  1.00 0.34 ? 12 BZA A H2A    1 
HETATM 725 H H1A    . BZA C 3 .  ? 1.586   1.681   -1.738  1.00 0.32 ? 12 BZA A H1A    1 
HETATM 726 H H5A    . BZA C 3 .  ? 3.239   -0.999  2.844   1.00 0.23 ? 12 BZA A H5A    1 
HETATM 727 H H6A    . BZA C 3 .  ? 3.340   -3.432  2.690   1.00 0.25 ? 12 BZA A H6A    1 
HETATM 728 H H7A    . BZA C 3 .  ? 3.056   -5.526  1.367   1.00 0.30 ? 12 BZA A H7A    1 
HETATM 729 H H8A    . BZA C 3 .  ? 2.298   -5.404  -1.006  1.00 0.32 ? 12 BZA A H8A    1 
HETATM 730 H H9A    . BZA C 3 .  ? 1.832   -3.197  -2.052  1.00 0.30 ? 12 BZA A H9A    1 
HETATM 731 H H10    . BZA C 3 .  ? 1.717   -0.741  -1.897  1.00 0.30 ? 12 BZA A H10    1 
# 
